data_4J7H
#
_entry.id   4J7H
#
_cell.length_a   104.681
_cell.length_b   108.635
_cell.length_c   110.133
_cell.angle_alpha   90.00
_cell.angle_beta   90.00
_cell.angle_gamma   90.00
#
_symmetry.space_group_name_H-M   'P 21 21 2'
#
loop_
_entity.id
_entity.type
_entity.pdbx_description
1 polymer 'EvaA 2,3-dehydratase'
2 non-polymer "5'-O-[(S)-hydroxy{[(S)-hydroxy(phenoxy)phosphoryl]oxy}phosphoryl]thymidine"
3 non-polymer "2'-DEOXY-THYMIDINE-BETA-L-RHAMNOSE"
4 non-polymer 1,2-ETHANEDIOL
5 water water
#
_entity_poly.entity_id   1
_entity_poly.type   'polypeptide(L)'
_entity_poly.pdbx_seq_one_letter_code
;MSSFVVPSLTAVRPRDHHDYADRIALSAATTDGVQMRTEDVRAWIAERRDANVFHVERIPFADLDQWWFEGVTGNLVHRS
GRFFTIEGLHVIEHDGPHGDGPYREWQQPVIRQPEVGILGILAKEFDGVLHFLMQAKMEPGNPNLVQLSPTVQATRSNYT
KAHGGTNVKLIEYFAPPDPERVIVDVLQAEQGSWFFRKSNRNMIVETVDDVPLWDDFCWLTLGQIAELMHEDETINMNSR
SVLSCLPYQDITPRALFSDVQLLSWFTNERSRHDVRVRRIPLADVCGWKQGAEEIEHEDGRYFKVLAVAVKGSNREKISW
TQPLVESVDLGVVAFLVRKIDGVPHVLVQARVDGGFLDTVELAPTVQCTPLNYAHLPAEEAPPFLDLVQNAPRSRIRYEA
IHSEEGGRFLGVRARYLVIDADEAIDPPPGYAWVTPAQLTALTRHGHYVNVEARTLLACINAAAAQPRGGA
;
_entity_poly.pdbx_strand_id   A,B
#
# COMPACT_ATOMS: atom_id res chain seq x y z
N ALA A 11 -42.08 14.64 -0.73
CA ALA A 11 -41.38 13.82 -1.77
C ALA A 11 -41.32 12.28 -1.60
N VAL A 12 -42.39 11.55 -1.92
CA VAL A 12 -42.38 10.09 -1.78
C VAL A 12 -41.75 9.52 -3.05
N ARG A 13 -41.28 8.27 -3.03
CA ARG A 13 -40.75 7.59 -4.21
C ARG A 13 -41.29 6.15 -4.21
N PRO A 14 -41.22 5.44 -5.36
CA PRO A 14 -41.61 4.03 -5.32
C PRO A 14 -40.82 3.26 -4.24
N ARG A 15 -41.49 2.27 -3.67
CA ARG A 15 -40.87 1.47 -2.62
C ARG A 15 -39.65 0.71 -3.14
N ASP A 16 -39.63 0.43 -4.44
CA ASP A 16 -38.59 -0.27 -5.18
CA ASP A 16 -38.46 -0.24 -5.01
C ASP A 16 -37.66 0.70 -5.90
N HIS A 17 -37.67 1.98 -5.56
CA HIS A 17 -36.89 3.03 -6.25
C HIS A 17 -35.41 2.69 -6.32
N HIS A 18 -34.76 3.00 -7.45
CA HIS A 18 -33.29 2.91 -7.54
C HIS A 18 -32.81 1.46 -7.36
N ASP A 19 -33.42 0.56 -8.11
CA ASP A 19 -32.99 -0.85 -8.08
C ASP A 19 -31.66 -0.94 -8.81
N TYR A 20 -30.66 -1.57 -8.17
CA TYR A 20 -29.33 -1.61 -8.77
C TYR A 20 -29.10 -2.94 -9.49
N ALA A 21 -30.15 -3.75 -9.67
CA ALA A 21 -29.87 -5.10 -10.19
C ALA A 21 -29.26 -5.08 -11.60
N ASP A 22 -29.76 -4.24 -12.50
CA ASP A 22 -29.14 -4.23 -13.85
C ASP A 22 -27.67 -3.79 -13.88
N ARG A 23 -27.34 -2.82 -13.03
CA ARG A 23 -25.99 -2.29 -12.89
CA ARG A 23 -25.97 -2.34 -12.98
C ARG A 23 -25.09 -3.38 -12.30
N ILE A 24 -25.66 -4.12 -11.34
CA ILE A 24 -24.89 -5.18 -10.70
C ILE A 24 -24.61 -6.26 -11.73
N ALA A 25 -25.64 -6.61 -12.47
CA ALA A 25 -25.49 -7.68 -13.48
C ALA A 25 -24.47 -7.26 -14.52
N LEU A 26 -24.49 -6.01 -14.97
CA LEU A 26 -23.48 -5.53 -15.94
C LEU A 26 -22.05 -5.62 -15.42
N SER A 27 -21.88 -5.22 -14.17
CA SER A 27 -20.57 -5.29 -13.53
C SER A 27 -20.12 -6.76 -13.41
N ALA A 28 -21.02 -7.68 -13.07
CA ALA A 28 -20.65 -9.09 -12.88
C ALA A 28 -20.24 -9.70 -14.21
N ALA A 29 -20.77 -9.15 -15.31
CA ALA A 29 -20.48 -9.74 -16.61
C ALA A 29 -19.19 -9.22 -17.23
N THR A 30 -18.57 -8.19 -16.66
CA THR A 30 -17.45 -7.45 -17.25
C THR A 30 -16.17 -7.83 -16.52
N THR A 31 -15.09 -8.24 -17.20
CA THR A 31 -13.82 -8.43 -16.46
C THR A 31 -12.72 -7.44 -16.87
N ASP A 32 -13.03 -6.63 -17.87
CA ASP A 32 -12.09 -5.54 -18.05
C ASP A 32 -12.34 -4.23 -17.28
N GLY A 33 -11.66 -4.15 -16.14
CA GLY A 33 -11.81 -3.04 -15.21
C GLY A 33 -10.90 -1.92 -15.68
N VAL A 34 -11.28 -0.72 -15.23
CA VAL A 34 -10.55 0.52 -15.45
C VAL A 34 -9.12 0.45 -14.90
N GLN A 35 -8.85 -0.28 -13.82
CA GLN A 35 -7.60 -0.02 -13.10
C GLN A 35 -6.48 -1.01 -13.44
N MET A 36 -6.81 -2.30 -13.44
CA MET A 36 -5.80 -3.35 -13.57
C MET A 36 -6.49 -4.52 -14.26
N ARG A 37 -5.79 -5.26 -15.11
CA ARG A 37 -6.41 -6.48 -15.65
C ARG A 37 -6.28 -7.50 -14.53
N THR A 38 -7.14 -8.52 -14.52
CA THR A 38 -7.18 -9.35 -13.33
C THR A 38 -5.89 -10.11 -13.03
N GLU A 39 -5.21 -10.47 -14.11
CA GLU A 39 -4.07 -11.40 -14.09
C GLU A 39 -3.03 -10.75 -13.17
N ASP A 40 -2.98 -9.43 -13.25
CA ASP A 40 -2.03 -8.60 -12.53
C ASP A 40 -2.30 -8.52 -11.02
N VAL A 41 -3.54 -8.74 -10.58
CA VAL A 41 -3.89 -8.32 -9.23
C VAL A 41 -3.04 -9.12 -8.24
N ARG A 42 -2.84 -10.42 -8.48
CA ARG A 42 -1.99 -11.27 -7.65
C ARG A 42 -0.65 -10.55 -7.53
N ALA A 43 -0.20 -9.99 -8.66
CA ALA A 43 1.08 -9.27 -8.69
C ALA A 43 1.02 -8.00 -7.83
N TRP A 44 0.02 -7.17 -8.08
CA TRP A 44 -0.32 -6.07 -7.16
C TRP A 44 -0.47 -6.54 -5.71
N ILE A 45 -1.32 -7.54 -5.47
CA ILE A 45 -1.32 -8.14 -4.15
C ILE A 45 0.05 -8.66 -3.76
N ALA A 46 0.67 -9.38 -4.68
CA ALA A 46 2.02 -9.91 -4.47
C ALA A 46 2.90 -8.73 -4.10
N GLU A 47 2.82 -7.67 -4.90
CA GLU A 47 3.55 -6.44 -4.60
C GLU A 47 3.17 -5.82 -3.27
N ARG A 48 1.88 -5.75 -2.92
CA ARG A 48 1.56 -5.20 -1.61
C ARG A 48 1.90 -6.27 -0.58
N ARG A 49 1.65 -7.54 -0.93
CA ARG A 49 2.09 -8.69 -0.14
C ARG A 49 3.59 -8.51 0.09
N ASP A 50 4.37 -8.32 -0.97
CA ASP A 50 5.80 -8.02 -0.80
C ASP A 50 6.18 -6.72 -0.09
N ALA A 51 5.47 -5.63 -0.34
CA ALA A 51 5.83 -4.35 0.23
C ALA A 51 5.49 -4.35 1.71
N ASN A 52 4.68 -5.33 2.13
CA ASN A 52 4.26 -5.34 3.53
C ASN A 52 5.41 -5.58 4.50
N VAL A 53 5.59 -4.63 5.41
CA VAL A 53 6.67 -4.72 6.38
C VAL A 53 6.39 -5.64 7.57
N PHE A 54 5.11 -5.85 7.91
CA PHE A 54 4.77 -6.44 9.20
C PHE A 54 4.79 -7.96 9.17
N HIS A 55 5.35 -8.56 10.21
CA HIS A 55 5.19 -9.99 10.46
C HIS A 55 4.78 -10.22 11.90
N VAL A 56 4.48 -11.48 12.18
CA VAL A 56 3.72 -11.83 13.37
C VAL A 56 4.45 -12.95 14.08
N GLU A 57 4.66 -12.83 15.39
CA GLU A 57 5.30 -13.91 16.12
C GLU A 57 4.46 -14.29 17.33
N ARG A 58 4.35 -15.58 17.60
CA ARG A 58 3.69 -16.08 18.82
C ARG A 58 4.47 -15.69 20.07
N ILE A 59 3.76 -15.23 21.09
CA ILE A 59 4.33 -14.82 22.38
C ILE A 59 3.57 -15.39 23.57
N PRO A 60 4.21 -15.49 24.76
CA PRO A 60 3.47 -15.90 25.95
C PRO A 60 2.48 -14.81 26.35
N PHE A 61 1.41 -15.23 27.00
CA PHE A 61 0.42 -14.27 27.43
C PHE A 61 1.07 -13.16 28.25
N ALA A 62 2.11 -13.52 29.02
CA ALA A 62 2.72 -12.53 29.89
C ALA A 62 3.37 -11.37 29.13
N ASP A 63 3.71 -11.58 27.86
CA ASP A 63 4.33 -10.51 27.12
C ASP A 63 3.36 -9.68 26.29
N LEU A 64 2.07 -9.96 26.42
CA LEU A 64 1.08 -9.03 25.91
C LEU A 64 1.28 -7.66 26.56
N ASP A 65 1.26 -6.61 25.75
CA ASP A 65 1.27 -5.24 26.24
C ASP A 65 -0.13 -4.62 26.20
N GLN A 66 -0.59 -4.17 27.36
CA GLN A 66 -1.93 -3.60 27.46
C GLN A 66 -3.07 -4.61 27.44
N TRP A 67 -2.79 -5.91 27.37
CA TRP A 67 -3.81 -6.91 27.66
C TRP A 67 -3.51 -7.59 28.98
N TRP A 68 -4.56 -8.03 29.67
CA TRP A 68 -4.32 -8.77 30.91
C TRP A 68 -5.53 -9.63 31.20
N PHE A 69 -5.31 -10.65 32.01
CA PHE A 69 -6.40 -11.43 32.57
C PHE A 69 -6.94 -10.73 33.81
N GLU A 70 -8.14 -10.17 33.70
CA GLU A 70 -8.60 -9.16 34.65
C GLU A 70 -8.91 -9.92 35.94
N GLY A 71 -8.86 -9.26 37.09
CA GLY A 71 -8.71 -10.10 38.30
C GLY A 71 -9.82 -11.04 38.72
N VAL A 72 -11.05 -10.54 38.74
CA VAL A 72 -12.16 -11.29 39.32
C VAL A 72 -12.72 -12.31 38.31
N THR A 73 -12.77 -11.94 37.04
CA THR A 73 -13.33 -12.87 36.04
C THR A 73 -12.28 -13.75 35.37
N GLY A 74 -11.04 -13.29 35.34
CA GLY A 74 -10.01 -13.91 34.52
C GLY A 74 -10.24 -13.72 33.03
N ASN A 75 -11.15 -12.83 32.65
CA ASN A 75 -11.34 -12.55 31.21
C ASN A 75 -10.11 -11.87 30.64
N LEU A 76 -9.81 -12.16 29.38
CA LEU A 76 -8.65 -11.53 28.76
C LEU A 76 -9.14 -10.26 28.08
N VAL A 77 -8.65 -9.11 28.57
CA VAL A 77 -9.20 -7.81 28.18
C VAL A 77 -8.10 -6.79 27.91
N HIS A 78 -8.42 -5.82 27.06
CA HIS A 78 -7.47 -4.73 26.79
C HIS A 78 -7.63 -3.67 27.88
N ARG A 79 -6.53 -3.18 28.45
CA ARG A 79 -6.70 -2.23 29.55
C ARG A 79 -7.41 -0.93 29.20
N SER A 80 -7.45 -0.59 27.91
CA SER A 80 -8.16 0.62 27.52
C SER A 80 -9.67 0.47 27.45
N GLY A 81 -10.12 -0.78 27.50
CA GLY A 81 -11.52 -1.07 27.25
C GLY A 81 -11.85 -1.20 25.77
N ARG A 82 -10.93 -0.92 24.86
CA ARG A 82 -11.20 -0.97 23.43
C ARG A 82 -11.10 -2.43 22.97
N PHE A 83 -11.37 -2.70 21.70
CA PHE A 83 -11.19 -4.05 21.14
C PHE A 83 -12.16 -5.08 21.71
N PHE A 84 -11.74 -6.35 21.78
CA PHE A 84 -12.62 -7.44 22.15
C PHE A 84 -12.15 -8.01 23.48
N THR A 85 -12.91 -8.96 24.01
CA THR A 85 -12.47 -9.67 25.22
C THR A 85 -12.59 -11.15 24.90
N ILE A 86 -11.82 -11.96 25.63
CA ILE A 86 -12.09 -13.39 25.65
C ILE A 86 -12.71 -13.69 27.01
N GLU A 87 -13.91 -14.27 26.98
CA GLU A 87 -14.68 -14.59 28.19
C GLU A 87 -15.06 -16.06 28.06
N GLY A 88 -15.94 -16.53 28.93
CA GLY A 88 -16.41 -17.89 28.91
C GLY A 88 -17.86 -17.98 28.46
N LEU A 89 -18.23 -19.17 28.00
CA LEU A 89 -19.59 -19.43 27.54
C LEU A 89 -19.94 -20.82 28.04
N HIS A 90 -21.16 -20.94 28.55
CA HIS A 90 -21.74 -22.23 28.87
C HIS A 90 -23.03 -22.43 28.07
N VAL A 91 -23.12 -23.53 27.33
CA VAL A 91 -24.27 -23.83 26.51
C VAL A 91 -24.92 -25.13 26.95
N ILE A 92 -26.26 -25.17 27.01
CA ILE A 92 -26.97 -26.43 27.17
C ILE A 92 -28.08 -26.44 26.11
N GLU A 93 -28.14 -27.51 25.34
CA GLU A 93 -29.33 -27.77 24.53
C GLU A 93 -30.09 -28.91 25.20
N HIS A 94 -31.29 -28.60 25.66
CA HIS A 94 -32.18 -29.57 26.32
C HIS A 94 -32.98 -30.39 25.33
N ASP A 95 -33.23 -31.64 25.73
CA ASP A 95 -34.09 -32.56 25.00
C ASP A 95 -35.52 -32.62 25.57
N GLY A 96 -35.85 -31.72 26.49
CA GLY A 96 -36.89 -32.00 27.47
C GLY A 96 -38.30 -31.76 26.98
N PRO A 97 -39.20 -31.36 27.89
CA PRO A 97 -40.58 -31.00 27.57
C PRO A 97 -40.75 -30.03 26.41
N HIS A 98 -39.86 -29.04 26.24
CA HIS A 98 -40.02 -28.15 25.10
C HIS A 98 -38.80 -27.95 24.19
N GLY A 99 -38.00 -29.00 24.02
CA GLY A 99 -36.95 -28.96 23.00
C GLY A 99 -36.68 -30.28 22.32
N ASP A 100 -36.42 -30.26 21.02
CA ASP A 100 -36.31 -31.50 20.26
C ASP A 100 -35.01 -32.25 20.56
N GLY A 101 -34.07 -31.49 21.11
CA GLY A 101 -32.73 -32.06 21.33
C GLY A 101 -31.99 -32.33 20.03
N PRO A 102 -30.97 -33.21 20.11
CA PRO A 102 -30.55 -33.92 21.31
C PRO A 102 -29.84 -33.07 22.36
N TYR A 103 -29.66 -33.63 23.55
CA TYR A 103 -29.01 -32.94 24.65
C TYR A 103 -27.52 -32.71 24.35
N ARG A 104 -27.03 -31.49 24.57
CA ARG A 104 -25.61 -31.18 24.38
C ARG A 104 -25.30 -30.25 25.57
N GLU A 105 -24.11 -30.32 26.13
CA GLU A 105 -23.72 -29.33 27.13
C GLU A 105 -22.20 -29.13 27.10
N TRP A 106 -21.72 -27.88 27.09
CA TRP A 106 -20.28 -27.67 27.15
C TRP A 106 -19.98 -26.26 27.63
N GLN A 107 -18.69 -26.04 27.91
CA GLN A 107 -18.18 -24.70 28.20
C GLN A 107 -16.98 -24.40 27.32
N GLN A 108 -16.77 -23.13 26.96
CA GLN A 108 -15.67 -22.78 26.07
C GLN A 108 -15.32 -21.30 26.25
N PRO A 109 -14.10 -20.93 25.90
CA PRO A 109 -13.82 -19.51 25.75
C PRO A 109 -14.67 -19.00 24.58
N VAL A 110 -14.82 -17.68 24.55
CA VAL A 110 -15.54 -17.09 23.42
C VAL A 110 -15.07 -15.64 23.27
N ILE A 111 -15.12 -15.13 22.04
CA ILE A 111 -14.79 -13.72 21.79
C ILE A 111 -16.04 -12.88 21.94
N ARG A 112 -15.89 -11.80 22.68
CA ARG A 112 -17.00 -10.85 22.81
C ARG A 112 -16.58 -9.42 22.44
N GLN A 113 -17.46 -8.71 21.73
CA GLN A 113 -17.16 -7.30 21.50
C GLN A 113 -18.55 -6.70 21.18
N PRO A 114 -19.17 -6.07 22.19
CA PRO A 114 -20.58 -5.72 22.08
C PRO A 114 -20.77 -4.37 21.39
N GLU A 115 -20.40 -4.37 20.12
CA GLU A 115 -20.26 -3.16 19.36
C GLU A 115 -20.41 -3.65 17.93
N VAL A 116 -21.04 -2.82 17.13
CA VAL A 116 -21.19 -3.18 15.72
C VAL A 116 -20.13 -2.42 14.93
N GLY A 117 -19.34 -3.16 14.15
CA GLY A 117 -18.35 -2.53 13.27
C GLY A 117 -18.94 -2.28 11.88
N ILE A 118 -18.21 -1.46 11.13
CA ILE A 118 -18.60 -1.17 9.74
C ILE A 118 -17.73 -1.98 8.80
N LEU A 119 -18.38 -2.69 7.87
CA LEU A 119 -17.64 -3.31 6.76
C LEU A 119 -18.28 -2.68 5.52
N GLY A 120 -17.55 -1.78 4.89
CA GLY A 120 -18.17 -1.04 3.80
C GLY A 120 -17.38 -1.13 2.50
N ILE A 121 -18.11 -1.42 1.44
CA ILE A 121 -17.51 -1.39 0.10
C ILE A 121 -18.09 -0.22 -0.68
N LEU A 122 -17.20 0.65 -1.20
CA LEU A 122 -17.60 1.84 -1.96
C LEU A 122 -17.60 1.41 -3.43
N ALA A 123 -18.65 1.86 -4.11
CA ALA A 123 -18.87 1.57 -5.52
C ALA A 123 -18.90 2.86 -6.32
N LYS A 124 -18.45 2.78 -7.58
CA LYS A 124 -18.43 4.01 -8.40
C LYS A 124 -18.37 3.52 -9.83
N GLU A 125 -19.11 4.22 -10.68
CA GLU A 125 -19.04 3.94 -12.12
C GLU A 125 -17.82 4.53 -12.82
N PHE A 126 -17.20 3.66 -13.62
CA PHE A 126 -16.14 4.14 -14.52
C PHE A 126 -16.51 3.59 -15.88
N ASP A 127 -16.53 4.49 -16.86
CA ASP A 127 -16.89 4.14 -18.23
C ASP A 127 -18.17 3.32 -18.30
N GLY A 128 -19.14 3.74 -17.49
CA GLY A 128 -20.48 3.13 -17.52
C GLY A 128 -20.60 1.82 -16.76
N VAL A 129 -19.59 1.41 -16.01
CA VAL A 129 -19.68 0.11 -15.32
C VAL A 129 -19.32 0.27 -13.85
N LEU A 130 -20.13 -0.26 -12.92
CA LEU A 130 -19.73 -0.13 -11.52
C LEU A 130 -18.45 -0.90 -11.19
N HIS A 131 -17.57 -0.20 -10.49
CA HIS A 131 -16.45 -0.84 -9.83
C HIS A 131 -16.58 -0.72 -8.31
N PHE A 132 -15.80 -1.54 -7.62
CA PHE A 132 -15.83 -1.60 -6.15
C PHE A 132 -14.41 -1.45 -5.64
N LEU A 133 -14.21 -0.63 -4.61
CA LEU A 133 -12.86 -0.20 -4.22
C LEU A 133 -12.35 -1.13 -3.12
N MET A 134 -11.58 -2.12 -3.58
CA MET A 134 -11.06 -3.13 -2.66
C MET A 134 -9.73 -2.75 -2.05
N GLN A 135 -9.50 -3.18 -0.82
CA GLN A 135 -8.32 -2.71 -0.11
C GLN A 135 -7.38 -3.86 0.14
N ALA A 136 -6.12 -3.69 -0.26
CA ALA A 136 -5.14 -4.70 0.14
C ALA A 136 -4.74 -4.41 1.60
N LYS A 137 -5.12 -5.31 2.49
CA LYS A 137 -4.99 -5.02 3.91
C LYS A 137 -4.25 -6.13 4.64
N MET A 138 -3.23 -5.73 5.42
CA MET A 138 -2.58 -6.68 6.27
C MET A 138 -3.33 -6.85 7.57
N GLU A 139 -3.56 -8.12 7.93
CA GLU A 139 -4.16 -8.43 9.22
C GLU A 139 -3.30 -9.55 9.78
N PRO A 140 -3.06 -9.52 11.10
CA PRO A 140 -2.03 -10.41 11.66
C PRO A 140 -2.30 -11.90 11.60
N GLY A 141 -3.58 -12.27 11.56
CA GLY A 141 -3.93 -13.67 11.43
C GLY A 141 -4.11 -14.16 10.01
N ASN A 142 -4.04 -13.29 8.99
CA ASN A 142 -4.10 -13.79 7.62
C ASN A 142 -2.92 -14.72 7.33
N PRO A 143 -3.17 -15.92 6.82
CA PRO A 143 -1.99 -16.81 6.79
C PRO A 143 -0.93 -16.34 5.79
N ASN A 144 -1.36 -15.56 4.79
CA ASN A 144 -0.48 -14.94 3.82
C ASN A 144 -0.38 -13.42 3.98
N LEU A 145 -0.72 -12.96 5.19
CA LEU A 145 -0.66 -11.58 5.70
C LEU A 145 -1.56 -10.53 5.05
N VAL A 146 -1.52 -10.43 3.74
CA VAL A 146 -2.26 -9.43 2.96
C VAL A 146 -3.37 -10.09 2.15
N GLN A 147 -4.62 -9.72 2.42
CA GLN A 147 -5.75 -10.15 1.57
C GLN A 147 -6.61 -8.93 1.22
N LEU A 148 -7.62 -9.13 0.40
CA LEU A 148 -8.42 -7.96 0.01
C LEU A 148 -9.66 -7.82 0.88
N SER A 149 -9.74 -6.65 1.53
CA SER A 149 -10.72 -6.29 2.55
C SER A 149 -11.68 -5.26 1.93
N PRO A 150 -12.78 -4.99 2.64
CA PRO A 150 -13.64 -3.89 2.17
C PRO A 150 -12.89 -2.54 2.18
N THR A 151 -13.46 -1.62 1.43
CA THR A 151 -12.98 -0.24 1.40
C THR A 151 -12.73 0.30 2.79
N VAL A 152 -13.68 0.10 3.71
CA VAL A 152 -13.64 0.64 5.05
C VAL A 152 -13.94 -0.53 5.98
N GLN A 153 -13.04 -0.71 6.94
CA GLN A 153 -13.32 -1.71 7.97
C GLN A 153 -12.96 -0.95 9.25
N ALA A 154 -13.94 -0.61 10.09
CA ALA A 154 -13.70 0.28 11.22
C ALA A 154 -14.75 0.07 12.30
N THR A 155 -14.43 0.46 13.52
CA THR A 155 -15.41 0.39 14.58
C THR A 155 -15.37 1.63 15.48
N ARG A 156 -16.49 2.11 15.99
CA ARG A 156 -16.47 3.40 16.69
C ARG A 156 -15.65 3.50 17.97
N SER A 157 -15.47 2.37 18.65
CA SER A 157 -14.56 2.41 19.79
C SER A 157 -13.11 2.75 19.43
N ASN A 158 -12.74 2.68 18.15
CA ASN A 158 -11.42 3.15 17.73
C ASN A 158 -11.27 4.62 17.31
N TYR A 159 -12.37 5.38 17.24
CA TYR A 159 -12.28 6.79 16.85
C TYR A 159 -11.48 7.66 17.84
N ASN A 167 -7.59 7.78 12.39
CA ASN A 167 -8.43 8.18 11.26
C ASN A 167 -8.54 7.18 10.10
N VAL A 168 -9.76 6.77 9.77
CA VAL A 168 -9.90 5.75 8.74
C VAL A 168 -10.30 6.39 7.39
N LYS A 169 -9.57 6.09 6.32
CA LYS A 169 -9.81 6.72 5.03
C LYS A 169 -11.20 6.32 4.55
N LEU A 170 -11.95 7.28 4.03
CA LEU A 170 -13.23 7.05 3.33
C LEU A 170 -14.37 6.67 4.30
N ILE A 171 -14.14 6.71 5.60
CA ILE A 171 -15.21 6.35 6.54
C ILE A 171 -16.39 7.31 6.42
N GLU A 172 -16.14 8.53 5.93
CA GLU A 172 -17.23 9.49 5.70
C GLU A 172 -18.34 8.98 4.78
N TYR A 173 -18.01 8.06 3.89
CA TYR A 173 -19.00 7.52 2.95
C TYR A 173 -19.94 6.52 3.65
N PHE A 174 -19.64 6.09 4.87
CA PHE A 174 -20.41 5.06 5.59
C PHE A 174 -20.95 5.49 6.94
N ALA A 175 -20.70 6.74 7.35
CA ALA A 175 -20.95 7.13 8.73
C ALA A 175 -21.38 8.60 8.77
N PRO A 176 -22.60 8.89 8.30
CA PRO A 176 -23.62 7.96 7.78
C PRO A 176 -23.53 7.83 6.27
N PRO A 177 -24.04 6.72 5.71
CA PRO A 177 -24.10 6.70 4.25
C PRO A 177 -25.09 7.69 3.67
N ASP A 178 -24.84 8.14 2.46
CA ASP A 178 -25.89 8.85 1.72
C ASP A 178 -27.11 7.97 1.44
N PRO A 179 -28.30 8.24 1.99
CA PRO A 179 -29.46 7.36 1.80
C PRO A 179 -29.83 7.18 0.34
N GLU A 180 -29.40 8.17 -0.45
CA GLU A 180 -29.67 8.08 -1.88
C GLU A 180 -28.75 7.14 -2.64
N ARG A 181 -27.73 6.60 -1.96
CA ARG A 181 -26.72 5.85 -2.68
C ARG A 181 -26.50 4.48 -2.05
N VAL A 182 -27.43 4.04 -1.19
CA VAL A 182 -27.23 2.75 -0.52
C VAL A 182 -27.67 1.59 -1.41
N ILE A 183 -26.73 0.67 -1.64
CA ILE A 183 -27.04 -0.58 -2.35
C ILE A 183 -27.39 -1.66 -1.32
N VAL A 184 -26.56 -1.80 -0.30
CA VAL A 184 -26.68 -2.80 0.77
C VAL A 184 -26.47 -2.09 2.10
N ASP A 185 -27.33 -2.38 3.09
CA ASP A 185 -26.96 -1.96 4.46
C ASP A 185 -27.71 -2.90 5.40
N VAL A 186 -26.98 -3.75 6.11
CA VAL A 186 -27.64 -4.83 6.88
C VAL A 186 -26.68 -5.32 7.96
N LEU A 187 -27.23 -5.77 9.10
CA LEU A 187 -26.36 -6.37 10.11
C LEU A 187 -26.28 -7.87 9.84
N GLN A 188 -25.07 -8.43 9.88
CA GLN A 188 -24.92 -9.88 9.67
C GLN A 188 -24.02 -10.46 10.75
N ALA A 189 -24.40 -11.67 11.19
CA ALA A 189 -23.67 -12.25 12.30
C ALA A 189 -22.33 -12.86 11.90
N GLU A 190 -21.39 -12.85 12.85
CA GLU A 190 -20.07 -13.47 12.68
C GLU A 190 -20.16 -14.90 13.22
N GLN A 191 -19.01 -15.58 13.19
CA GLN A 191 -19.00 -17.02 13.47
C GLN A 191 -19.72 -17.36 14.78
N GLY A 192 -20.66 -18.31 14.74
CA GLY A 192 -21.44 -18.66 15.92
C GLY A 192 -20.73 -19.58 16.91
N SER A 193 -19.64 -20.19 16.46
CA SER A 193 -18.93 -21.07 17.39
C SER A 193 -17.95 -20.27 18.23
N TRP A 194 -17.41 -19.19 17.70
CA TRP A 194 -16.32 -18.47 18.37
C TRP A 194 -16.66 -17.06 18.84
N PHE A 195 -17.73 -16.42 18.37
CA PHE A 195 -18.07 -15.10 18.89
C PHE A 195 -19.39 -15.18 19.65
N PHE A 196 -19.51 -14.35 20.69
CA PHE A 196 -20.79 -14.31 21.41
C PHE A 196 -21.68 -13.21 20.83
N ARG A 197 -22.64 -13.66 20.04
CA ARG A 197 -23.66 -12.73 19.56
C ARG A 197 -23.13 -11.48 18.90
N LYS A 198 -22.16 -11.63 18.01
CA LYS A 198 -21.61 -10.40 17.44
C LYS A 198 -22.07 -10.28 15.98
N SER A 199 -22.41 -9.05 15.59
CA SER A 199 -22.68 -8.83 14.17
C SER A 199 -21.94 -7.55 13.75
N ASN A 200 -21.76 -7.45 12.44
CA ASN A 200 -21.18 -6.22 11.93
C ASN A 200 -22.10 -5.67 10.86
N ARG A 201 -21.99 -4.35 10.62
CA ARG A 201 -22.84 -3.72 9.61
C ARG A 201 -22.20 -3.83 8.21
N ASN A 202 -22.84 -4.59 7.31
CA ASN A 202 -22.29 -4.83 5.99
C ASN A 202 -22.91 -3.78 5.08
N MET A 203 -22.12 -3.01 4.33
CA MET A 203 -22.66 -1.87 3.58
C MET A 203 -21.99 -1.84 2.19
N ILE A 204 -22.82 -1.53 1.20
CA ILE A 204 -22.26 -1.17 -0.12
C ILE A 204 -22.93 0.12 -0.53
N VAL A 205 -22.12 1.13 -0.83
CA VAL A 205 -22.65 2.48 -1.09
C VAL A 205 -21.99 3.03 -2.34
N GLU A 206 -22.79 3.62 -3.22
CA GLU A 206 -22.24 4.20 -4.46
C GLU A 206 -21.85 5.67 -4.22
N THR A 207 -20.81 6.13 -4.92
CA THR A 207 -20.53 7.56 -4.95
C THR A 207 -20.28 7.95 -6.41
N VAL A 208 -20.51 9.22 -6.76
CA VAL A 208 -20.03 9.73 -8.05
C VAL A 208 -18.82 10.64 -7.80
N ASP A 209 -18.38 10.77 -6.55
CA ASP A 209 -17.24 11.63 -6.22
C ASP A 209 -15.93 11.18 -6.83
N ASP A 210 -15.02 12.14 -7.08
CA ASP A 210 -13.66 11.78 -7.49
C ASP A 210 -12.83 11.42 -6.26
N VAL A 211 -12.91 10.15 -5.85
CA VAL A 211 -12.34 9.61 -4.62
C VAL A 211 -10.81 9.60 -4.80
N PRO A 212 -10.05 9.86 -3.74
CA PRO A 212 -8.61 9.63 -3.90
C PRO A 212 -8.26 8.17 -4.10
N LEU A 213 -7.07 7.88 -4.62
CA LEU A 213 -6.67 6.49 -4.73
C LEU A 213 -5.30 6.35 -4.11
N TRP A 214 -5.20 5.49 -3.11
CA TRP A 214 -3.92 5.40 -2.41
C TRP A 214 -3.47 3.99 -2.78
N ASP A 215 -2.20 3.70 -2.50
CA ASP A 215 -1.53 2.53 -3.02
C ASP A 215 -2.19 1.23 -2.60
N ASP A 216 -2.88 1.24 -1.47
CA ASP A 216 -3.47 -0.02 -0.95
C ASP A 216 -4.87 -0.30 -1.49
N PHE A 217 -5.32 0.49 -2.46
CA PHE A 217 -6.68 0.38 -2.95
C PHE A 217 -6.74 0.12 -4.46
N CYS A 218 -7.72 -0.65 -4.90
CA CYS A 218 -7.88 -0.94 -6.33
C CYS A 218 -9.35 -1.05 -6.70
N TRP A 219 -9.75 -0.31 -7.72
CA TRP A 219 -11.07 -0.47 -8.31
C TRP A 219 -11.23 -1.72 -9.15
N LEU A 220 -12.21 -2.57 -8.84
CA LEU A 220 -12.43 -3.82 -9.57
C LEU A 220 -13.89 -3.92 -9.93
N THR A 221 -14.18 -4.41 -11.14
CA THR A 221 -15.56 -4.78 -11.42
C THR A 221 -16.01 -6.03 -10.64
N LEU A 222 -17.31 -6.28 -10.59
CA LEU A 222 -17.77 -7.47 -9.89
C LEU A 222 -17.32 -8.76 -10.59
N GLY A 223 -17.17 -8.68 -11.91
CA GLY A 223 -16.66 -9.82 -12.70
C GLY A 223 -15.21 -10.07 -12.32
N GLN A 224 -14.41 -9.03 -12.05
CA GLN A 224 -13.04 -9.24 -11.63
C GLN A 224 -13.02 -9.85 -10.23
N ILE A 225 -13.89 -9.34 -9.36
CA ILE A 225 -14.01 -9.92 -8.02
C ILE A 225 -14.44 -11.37 -8.13
N ALA A 226 -15.33 -11.71 -9.06
CA ALA A 226 -15.80 -13.09 -9.23
C ALA A 226 -14.60 -13.95 -9.62
N GLU A 227 -13.74 -13.48 -10.53
CA GLU A 227 -12.58 -14.31 -10.86
C GLU A 227 -11.72 -14.51 -9.61
N LEU A 228 -11.48 -13.42 -8.88
CA LEU A 228 -10.64 -13.50 -7.70
C LEU A 228 -11.21 -14.38 -6.59
N MET A 229 -12.53 -14.47 -6.56
CA MET A 229 -13.19 -15.28 -5.55
CA MET A 229 -13.20 -15.29 -5.55
C MET A 229 -12.90 -16.76 -5.71
N HIS A 230 -12.40 -17.15 -6.88
CA HIS A 230 -11.99 -18.53 -7.13
C HIS A 230 -10.58 -18.85 -6.64
N GLU A 231 -9.84 -17.80 -6.26
CA GLU A 231 -8.48 -17.97 -5.75
C GLU A 231 -8.43 -18.25 -4.26
N ASP A 232 -7.46 -19.08 -3.84
CA ASP A 232 -7.31 -19.24 -2.39
C ASP A 232 -6.87 -17.97 -1.72
N GLU A 233 -7.44 -17.73 -0.55
CA GLU A 233 -6.90 -16.73 0.42
C GLU A 233 -6.62 -15.37 -0.23
N THR A 234 -7.61 -14.85 -0.95
CA THR A 234 -7.48 -13.62 -1.73
C THR A 234 -8.54 -12.59 -1.30
N ILE A 235 -9.80 -12.97 -1.54
CA ILE A 235 -10.90 -12.09 -1.08
C ILE A 235 -11.18 -12.45 0.37
N ASN A 236 -11.01 -11.50 1.30
CA ASN A 236 -11.00 -11.88 2.71
C ASN A 236 -12.44 -12.04 3.22
N MET A 237 -12.52 -12.53 4.46
CA MET A 237 -13.82 -12.99 4.97
C MET A 237 -14.83 -11.84 5.06
N ASN A 238 -14.37 -10.68 5.51
CA ASN A 238 -15.28 -9.53 5.56
C ASN A 238 -15.77 -9.11 4.17
N SER A 239 -14.88 -9.10 3.18
CA SER A 239 -15.32 -8.83 1.80
C SER A 239 -16.32 -9.87 1.33
N ARG A 240 -16.10 -11.15 1.57
CA ARG A 240 -17.05 -12.15 1.06
C ARG A 240 -18.40 -11.94 1.77
N SER A 241 -18.40 -11.61 3.05
CA SER A 241 -19.69 -11.39 3.73
C SER A 241 -20.46 -10.22 3.10
N VAL A 242 -19.77 -9.11 2.86
CA VAL A 242 -20.48 -7.94 2.27
C VAL A 242 -20.92 -8.26 0.85
N LEU A 243 -20.07 -8.88 0.02
CA LEU A 243 -20.46 -9.20 -1.36
C LEU A 243 -21.62 -10.20 -1.43
N SER A 244 -21.78 -11.06 -0.43
CA SER A 244 -22.86 -12.05 -0.45
C SER A 244 -24.22 -11.37 -0.32
N CYS A 245 -24.19 -10.12 0.16
CA CYS A 245 -25.45 -9.39 0.34
C CYS A 245 -25.93 -8.66 -0.92
N LEU A 246 -25.18 -8.73 -2.02
CA LEU A 246 -25.55 -8.03 -3.26
C LEU A 246 -26.89 -8.54 -3.79
N PRO A 247 -27.82 -7.65 -4.14
CA PRO A 247 -29.17 -8.06 -4.51
C PRO A 247 -29.36 -8.26 -6.01
N TYR A 248 -28.84 -9.36 -6.51
CA TYR A 248 -29.14 -9.78 -7.89
C TYR A 248 -30.61 -10.07 -8.18
N GLN A 249 -31.05 -9.90 -9.42
CA GLN A 249 -32.39 -10.31 -9.82
C GLN A 249 -32.46 -11.81 -10.02
N ASP A 250 -33.45 -12.55 -9.50
CA ASP A 250 -33.54 -14.00 -9.74
C ASP A 250 -33.82 -14.35 -11.19
N ILE A 251 -32.96 -15.11 -11.87
CA ILE A 251 -33.15 -15.54 -13.26
C ILE A 251 -34.22 -16.66 -13.41
N THR A 252 -34.47 -17.43 -12.36
CA THR A 252 -35.39 -18.58 -12.32
C THR A 252 -36.20 -18.55 -11.02
N PRO A 253 -37.26 -17.72 -10.95
CA PRO A 253 -37.97 -17.37 -9.73
C PRO A 253 -39.01 -18.43 -9.31
N ARG A 254 -38.50 -19.66 -9.23
CA ARG A 254 -39.24 -20.83 -8.72
C ARG A 254 -38.35 -21.49 -7.68
N ALA A 255 -38.98 -22.29 -6.82
CA ALA A 255 -38.22 -23.02 -5.83
C ALA A 255 -39.08 -24.13 -5.24
N LEU A 256 -38.41 -25.09 -4.62
CA LEU A 256 -39.14 -26.19 -3.98
C LEU A 256 -40.09 -25.67 -2.88
N PHE A 257 -39.62 -24.70 -2.09
CA PHE A 257 -40.47 -24.04 -1.09
C PHE A 257 -40.78 -22.68 -1.69
N SER A 258 -42.04 -22.25 -1.64
CA SER A 258 -42.27 -20.83 -1.90
C SER A 258 -41.60 -19.99 -0.82
N ASP A 259 -41.45 -18.68 -1.07
CA ASP A 259 -40.76 -17.90 -0.02
C ASP A 259 -41.50 -17.97 1.33
N VAL A 260 -42.84 -17.92 1.33
CA VAL A 260 -43.62 -18.13 2.54
C VAL A 260 -43.35 -19.49 3.18
N GLN A 261 -43.34 -20.56 2.38
CA GLN A 261 -43.03 -21.88 2.94
C GLN A 261 -41.64 -21.97 3.56
N LEU A 262 -40.68 -21.27 2.96
CA LEU A 262 -39.31 -21.26 3.50
C LEU A 262 -39.32 -20.54 4.85
N LEU A 263 -39.98 -19.41 4.92
CA LEU A 263 -40.01 -18.71 6.21
C LEU A 263 -40.76 -19.55 7.27
N SER A 264 -41.82 -20.28 6.91
CA SER A 264 -42.55 -21.17 7.83
C SER A 264 -41.60 -22.28 8.30
N TRP A 265 -40.91 -22.92 7.35
CA TRP A 265 -39.96 -23.97 7.74
C TRP A 265 -38.93 -23.46 8.73
N PHE A 266 -38.40 -22.29 8.41
CA PHE A 266 -37.33 -21.77 9.27
C PHE A 266 -37.88 -21.35 10.63
N THR A 267 -39.11 -20.81 10.66
CA THR A 267 -39.81 -20.50 11.90
C THR A 267 -39.93 -21.71 12.83
N ASN A 268 -40.35 -22.83 12.27
CA ASN A 268 -40.39 -24.06 13.02
C ASN A 268 -38.99 -24.44 13.51
N GLU A 269 -37.98 -24.34 12.65
CA GLU A 269 -36.63 -24.64 13.13
C GLU A 269 -36.20 -23.76 14.29
N ARG A 270 -36.49 -22.45 14.24
CA ARG A 270 -36.12 -21.52 15.29
C ARG A 270 -36.92 -21.77 16.58
N SER A 271 -38.07 -22.43 16.45
CA SER A 271 -38.98 -22.65 17.57
C SER A 271 -38.81 -23.97 18.28
N ARG A 272 -38.19 -24.95 17.62
CA ARG A 272 -38.33 -26.32 18.09
C ARG A 272 -37.20 -26.78 19.00
N HIS A 273 -36.18 -25.94 19.18
CA HIS A 273 -35.04 -26.32 20.01
C HIS A 273 -35.22 -25.69 21.40
N ASP A 274 -34.50 -26.18 22.40
CA ASP A 274 -34.47 -25.41 23.65
C ASP A 274 -33.01 -25.29 24.02
N VAL A 275 -32.43 -24.14 23.68
CA VAL A 275 -31.01 -23.88 23.89
C VAL A 275 -30.84 -22.75 24.92
N ARG A 276 -30.03 -22.97 25.96
CA ARG A 276 -29.93 -21.96 27.02
C ARG A 276 -28.42 -21.70 27.09
N VAL A 277 -28.07 -20.42 27.00
CA VAL A 277 -26.66 -20.06 26.95
C VAL A 277 -26.46 -19.03 28.04
N ARG A 278 -25.30 -19.11 28.68
CA ARG A 278 -24.87 -18.00 29.52
C ARG A 278 -23.39 -17.69 29.39
N ARG A 279 -23.11 -16.39 29.44
CA ARG A 279 -21.75 -15.90 29.48
C ARG A 279 -21.25 -16.10 30.90
N ILE A 280 -20.01 -16.58 31.06
CA ILE A 280 -19.50 -16.82 32.41
C ILE A 280 -18.05 -16.31 32.39
N PRO A 281 -17.44 -16.10 33.56
CA PRO A 281 -16.01 -15.77 33.57
C PRO A 281 -15.11 -16.79 32.89
N LEU A 282 -14.11 -16.31 32.17
CA LEU A 282 -13.19 -17.22 31.50
C LEU A 282 -12.55 -18.17 32.52
N ALA A 283 -12.30 -17.67 33.73
CA ALA A 283 -11.60 -18.45 34.76
C ALA A 283 -12.48 -19.62 35.19
N ASP A 284 -13.79 -19.53 34.95
CA ASP A 284 -14.69 -20.58 35.38
C ASP A 284 -14.87 -21.69 34.32
N VAL A 285 -14.31 -21.54 33.11
CA VAL A 285 -14.60 -22.49 32.03
C VAL A 285 -14.03 -23.89 32.34
N CYS A 286 -14.86 -24.93 32.36
CA CYS A 286 -14.37 -26.27 32.63
C CYS A 286 -14.01 -26.91 31.31
N GLY A 287 -13.02 -27.80 31.36
CA GLY A 287 -12.62 -28.57 30.18
C GLY A 287 -11.51 -27.92 29.38
N TRP A 288 -11.08 -26.71 29.74
CA TRP A 288 -10.06 -25.96 29.02
C TRP A 288 -8.93 -25.65 29.99
N LYS A 289 -7.70 -25.62 29.50
CA LYS A 289 -6.54 -25.42 30.37
C LYS A 289 -5.85 -24.16 29.91
N GLN A 290 -5.51 -23.30 30.86
CA GLN A 290 -4.80 -22.07 30.54
C GLN A 290 -3.31 -22.26 30.87
N GLY A 291 -2.46 -22.18 29.87
CA GLY A 291 -1.00 -22.25 30.04
C GLY A 291 -0.36 -20.88 29.92
N ALA A 292 0.96 -20.87 29.85
CA ALA A 292 1.68 -19.61 29.66
C ALA A 292 1.54 -19.12 28.21
N GLU A 293 1.27 -20.01 27.26
CA GLU A 293 1.20 -19.55 25.86
C GLU A 293 -0.16 -19.72 25.19
N GLU A 294 -0.93 -20.71 25.61
CA GLU A 294 -2.23 -20.93 24.96
C GLU A 294 -3.27 -21.29 26.01
N ILE A 295 -4.54 -21.07 25.65
CA ILE A 295 -5.66 -21.69 26.33
C ILE A 295 -6.22 -22.72 25.35
N GLU A 296 -6.33 -23.95 25.82
CA GLU A 296 -6.64 -25.08 24.95
C GLU A 296 -7.57 -26.12 25.56
N HIS A 297 -8.29 -26.83 24.70
CA HIS A 297 -9.23 -27.82 25.18
C HIS A 297 -8.45 -29.04 25.71
N GLU A 298 -8.94 -29.61 26.80
CA GLU A 298 -8.25 -30.76 27.44
C GLU A 298 -8.03 -31.95 26.52
N ASP A 299 -8.88 -32.13 25.50
CA ASP A 299 -8.71 -33.21 24.52
C ASP A 299 -8.23 -32.77 23.13
N GLY A 300 -7.75 -31.53 23.03
CA GLY A 300 -7.13 -31.04 21.81
C GLY A 300 -8.13 -30.76 20.69
N ARG A 301 -9.39 -30.54 21.05
CA ARG A 301 -10.38 -30.25 20.01
C ARG A 301 -10.64 -28.74 19.89
N TYR A 302 -11.32 -28.34 18.82
CA TYR A 302 -11.95 -27.03 18.69
C TYR A 302 -11.00 -25.92 18.26
N PHE A 303 -10.39 -25.26 19.23
CA PHE A 303 -9.54 -24.11 18.94
C PHE A 303 -8.57 -23.83 20.10
N LYS A 304 -7.63 -22.92 19.89
CA LYS A 304 -6.78 -22.45 21.00
C LYS A 304 -6.84 -20.94 21.05
N VAL A 305 -6.75 -20.34 22.24
CA VAL A 305 -6.47 -18.92 22.31
C VAL A 305 -4.95 -18.76 22.51
N LEU A 306 -4.38 -17.80 21.80
CA LEU A 306 -2.93 -17.58 21.88
C LEU A 306 -2.67 -16.10 21.84
N ALA A 307 -1.39 -15.71 21.80
CA ALA A 307 -1.03 -14.29 21.79
C ALA A 307 0.04 -14.07 20.73
N VAL A 308 -0.01 -12.91 20.07
CA VAL A 308 1.00 -12.60 19.06
C VAL A 308 1.50 -11.17 19.27
N ALA A 309 2.73 -10.94 18.79
CA ALA A 309 3.29 -9.63 18.61
C ALA A 309 3.39 -9.35 17.12
N VAL A 310 2.99 -8.13 16.78
CA VAL A 310 3.02 -7.70 15.39
C VAL A 310 4.22 -6.77 15.29
N LYS A 311 5.16 -7.15 14.43
CA LYS A 311 6.34 -6.31 14.23
C LYS A 311 6.52 -5.80 12.80
N LYS A 317 11.03 -2.99 16.38
CA LYS A 317 10.09 -2.57 17.41
C LYS A 317 8.79 -3.35 17.24
N ILE A 318 8.08 -3.58 18.35
CA ILE A 318 6.73 -4.16 18.32
C ILE A 318 5.68 -3.07 18.06
N SER A 319 4.90 -3.17 16.99
CA SER A 319 3.76 -2.26 16.78
C SER A 319 2.55 -2.53 17.68
N TRP A 320 2.07 -3.76 17.76
CA TRP A 320 1.15 -4.03 18.85
C TRP A 320 1.14 -5.51 19.20
N THR A 321 0.47 -5.86 20.30
CA THR A 321 0.29 -7.24 20.67
C THR A 321 -1.22 -7.49 20.84
N GLN A 322 -1.64 -8.72 20.62
CA GLN A 322 -3.06 -9.06 20.83
C GLN A 322 -3.22 -10.57 20.90
N PRO A 323 -4.32 -11.05 21.53
CA PRO A 323 -4.75 -12.42 21.39
C PRO A 323 -5.27 -12.68 19.97
N LEU A 324 -5.18 -13.94 19.61
CA LEU A 324 -5.79 -14.54 18.40
C LEU A 324 -6.36 -15.91 18.74
N VAL A 325 -7.34 -16.34 17.94
CA VAL A 325 -7.87 -17.68 18.08
C VAL A 325 -7.42 -18.51 16.88
N GLU A 326 -6.94 -19.71 17.14
CA GLU A 326 -6.54 -20.56 16.03
C GLU A 326 -7.32 -21.87 16.12
N SER A 327 -7.70 -22.44 14.98
CA SER A 327 -8.47 -23.68 14.99
C SER A 327 -7.48 -24.83 15.09
N VAL A 328 -7.96 -26.00 15.48
CA VAL A 328 -7.10 -27.18 15.62
C VAL A 328 -6.83 -27.88 14.28
N ASP A 329 -7.56 -27.52 13.22
CA ASP A 329 -7.32 -28.13 11.92
C ASP A 329 -7.94 -27.39 10.74
N LEU A 330 -7.70 -27.87 9.54
CA LEU A 330 -8.40 -27.34 8.36
C LEU A 330 -9.88 -27.70 8.41
N GLY A 331 -10.75 -26.71 8.17
CA GLY A 331 -12.19 -27.00 8.25
C GLY A 331 -12.70 -27.46 6.89
N VAL A 332 -13.93 -27.94 6.89
CA VAL A 332 -14.60 -28.34 5.65
C VAL A 332 -15.96 -27.65 5.63
N VAL A 333 -16.24 -26.90 4.56
CA VAL A 333 -17.51 -26.15 4.54
C VAL A 333 -18.07 -26.36 3.14
N ALA A 334 -19.26 -26.97 3.02
CA ALA A 334 -19.71 -27.33 1.66
C ALA A 334 -21.23 -27.21 1.54
N PHE A 335 -21.65 -26.83 0.33
CA PHE A 335 -23.03 -27.00 -0.09
C PHE A 335 -23.12 -28.18 -1.05
N LEU A 336 -24.07 -29.07 -0.76
CA LEU A 336 -24.54 -30.03 -1.78
C LEU A 336 -25.57 -29.34 -2.68
N VAL A 337 -25.51 -29.56 -3.98
CA VAL A 337 -26.42 -28.93 -4.94
C VAL A 337 -27.20 -29.99 -5.70
N ARG A 338 -28.48 -29.76 -5.93
CA ARG A 338 -29.30 -30.63 -6.78
CA ARG A 338 -29.32 -30.62 -6.76
C ARG A 338 -30.14 -29.71 -7.67
N LYS A 339 -30.31 -30.09 -8.94
CA LYS A 339 -31.25 -29.37 -9.80
C LYS A 339 -32.60 -30.02 -9.60
N ILE A 340 -33.59 -29.20 -9.23
CA ILE A 340 -34.91 -29.73 -9.01
C ILE A 340 -35.74 -29.07 -10.12
N ASP A 341 -36.35 -29.91 -10.97
CA ASP A 341 -36.95 -29.37 -12.18
C ASP A 341 -36.10 -28.36 -12.90
N GLY A 342 -34.82 -28.63 -13.03
CA GLY A 342 -34.01 -27.62 -13.70
C GLY A 342 -33.47 -26.47 -12.87
N VAL A 343 -33.90 -26.28 -11.62
CA VAL A 343 -33.52 -25.09 -10.86
C VAL A 343 -32.54 -25.58 -9.76
N PRO A 344 -31.30 -25.10 -9.77
CA PRO A 344 -30.38 -25.60 -8.73
C PRO A 344 -30.80 -25.09 -7.33
N HIS A 345 -30.71 -26.01 -6.38
CA HIS A 345 -30.97 -25.71 -4.97
C HIS A 345 -29.74 -26.18 -4.19
N VAL A 346 -29.48 -25.57 -3.04
CA VAL A 346 -28.45 -26.05 -2.13
C VAL A 346 -29.12 -26.61 -0.87
N LEU A 347 -28.47 -27.53 -0.17
CA LEU A 347 -29.14 -28.13 1.01
C LEU A 347 -28.65 -27.42 2.24
N VAL A 348 -29.48 -26.54 2.81
CA VAL A 348 -29.04 -25.75 3.96
C VAL A 348 -29.36 -26.55 5.20
N GLN A 349 -28.67 -26.21 6.29
CA GLN A 349 -28.95 -26.73 7.62
C GLN A 349 -29.30 -25.54 8.50
N ALA A 350 -30.33 -25.74 9.32
CA ALA A 350 -30.67 -24.74 10.31
C ALA A 350 -29.87 -25.08 11.57
N ARG A 351 -28.70 -24.46 11.64
CA ARG A 351 -27.67 -24.85 12.60
C ARG A 351 -27.88 -24.20 13.96
N VAL A 352 -27.61 -24.91 15.06
CA VAL A 352 -27.76 -24.31 16.38
C VAL A 352 -26.37 -24.09 16.94
N ASP A 353 -25.88 -22.87 17.05
CA ASP A 353 -24.52 -22.70 17.59
C ASP A 353 -24.65 -21.86 18.86
N GLY A 354 -23.70 -22.05 19.75
CA GLY A 354 -23.76 -21.37 21.04
C GLY A 354 -23.76 -19.87 21.05
N GLY A 355 -23.17 -19.28 20.01
CA GLY A 355 -23.00 -17.82 19.98
C GLY A 355 -24.03 -17.10 19.15
N PHE A 356 -25.00 -17.83 18.60
CA PHE A 356 -26.09 -17.18 17.85
C PHE A 356 -27.07 -16.42 18.76
N LEU A 357 -27.52 -15.28 18.22
CA LEU A 357 -28.47 -14.45 18.97
C LEU A 357 -29.83 -15.12 19.04
N ASP A 358 -30.28 -15.74 17.94
CA ASP A 358 -31.69 -16.18 17.79
C ASP A 358 -31.77 -17.68 17.48
N THR A 359 -31.05 -18.47 18.28
CA THR A 359 -31.10 -19.95 18.25
C THR A 359 -30.47 -20.64 17.03
N VAL A 360 -31.00 -20.35 15.84
CA VAL A 360 -30.54 -20.98 14.60
C VAL A 360 -30.19 -19.92 13.57
N GLU A 361 -29.33 -20.30 12.62
CA GLU A 361 -29.10 -19.51 11.38
C GLU A 361 -28.97 -20.57 10.31
N LEU A 362 -29.33 -20.21 9.06
CA LEU A 362 -28.99 -21.17 8.00
C LEU A 362 -27.48 -21.23 7.74
N ALA A 363 -27.01 -22.46 7.52
CA ALA A 363 -25.57 -22.72 7.34
C ALA A 363 -25.44 -23.72 6.18
N PRO A 364 -24.18 -23.92 5.75
CA PRO A 364 -23.92 -24.85 4.65
C PRO A 364 -24.31 -26.29 5.04
N THR A 365 -24.43 -27.10 3.99
CA THR A 365 -24.82 -28.50 4.21
C THR A 365 -23.87 -29.16 5.23
N VAL A 366 -22.57 -28.95 5.06
CA VAL A 366 -21.54 -29.42 6.00
C VAL A 366 -20.72 -28.21 6.42
N GLN A 367 -20.52 -28.11 7.73
CA GLN A 367 -19.69 -27.07 8.30
C GLN A 367 -19.07 -27.64 9.55
N CYS A 368 -17.78 -27.99 9.42
CA CYS A 368 -17.18 -28.55 10.63
C CYS A 368 -15.67 -28.59 10.50
N THR A 369 -15.04 -28.87 11.63
CA THR A 369 -13.59 -29.16 11.60
C THR A 369 -13.52 -30.67 11.88
N PRO A 370 -13.11 -31.48 10.89
CA PRO A 370 -13.34 -32.91 11.03
C PRO A 370 -12.63 -33.50 12.27
N LEU A 371 -11.49 -32.93 12.67
CA LEU A 371 -10.80 -33.45 13.87
C LEU A 371 -11.70 -33.45 15.11
N ASN A 372 -12.69 -32.55 15.19
CA ASN A 372 -13.55 -32.52 16.34
C ASN A 372 -14.50 -33.71 16.48
N TYR A 373 -14.58 -34.56 15.46
CA TYR A 373 -15.47 -35.69 15.43
C TYR A 373 -14.65 -36.99 15.37
N ALA A 374 -13.33 -36.87 15.42
CA ALA A 374 -12.50 -37.98 14.95
C ALA A 374 -12.42 -39.06 16.03
N HIS A 375 -12.80 -38.69 17.26
CA HIS A 375 -12.72 -39.58 18.41
C HIS A 375 -14.07 -40.28 18.51
N LEU A 376 -15.01 -39.94 17.63
CA LEU A 376 -16.34 -40.55 17.63
C LEU A 376 -16.50 -41.56 16.49
N PRO A 377 -17.45 -42.50 16.64
CA PRO A 377 -17.69 -43.41 15.52
C PRO A 377 -18.30 -42.68 14.33
N ALA A 378 -18.11 -43.22 13.13
CA ALA A 378 -18.47 -42.56 11.88
C ALA A 378 -19.93 -42.12 11.88
N GLU A 379 -20.79 -42.90 12.52
CA GLU A 379 -22.21 -42.57 12.63
C GLU A 379 -22.57 -41.34 13.45
N GLU A 380 -21.62 -40.83 14.24
CA GLU A 380 -21.87 -39.61 15.02
C GLU A 380 -21.31 -38.37 14.33
N ALA A 381 -20.84 -38.57 13.10
CA ALA A 381 -20.17 -37.47 12.39
C ALA A 381 -21.31 -36.59 11.86
N PRO A 382 -21.00 -35.34 11.49
CA PRO A 382 -22.09 -34.53 10.92
C PRO A 382 -22.65 -35.19 9.65
N PRO A 383 -23.97 -35.08 9.42
CA PRO A 383 -24.60 -35.59 8.23
C PRO A 383 -23.86 -35.06 7.02
N PHE A 384 -23.63 -35.96 6.05
CA PHE A 384 -23.00 -35.61 4.77
C PHE A 384 -21.51 -35.36 4.86
N LEU A 385 -20.85 -35.38 6.02
CA LEU A 385 -19.42 -35.06 5.97
C LEU A 385 -18.66 -36.08 5.13
N ASP A 386 -18.97 -37.37 5.36
CA ASP A 386 -18.28 -38.40 4.58
C ASP A 386 -18.48 -38.26 3.08
N LEU A 387 -19.71 -37.97 2.67
CA LEU A 387 -20.04 -37.73 1.29
C LEU A 387 -19.22 -36.59 0.70
N VAL A 388 -19.10 -35.50 1.46
CA VAL A 388 -18.33 -34.36 0.96
C VAL A 388 -16.85 -34.68 0.90
N GLN A 389 -16.33 -35.39 1.90
CA GLN A 389 -14.88 -35.61 1.96
C GLN A 389 -14.48 -36.60 0.87
N ASN A 390 -15.44 -37.42 0.45
CA ASN A 390 -15.09 -38.38 -0.60
C ASN A 390 -15.48 -37.97 -2.00
N ALA A 391 -15.98 -36.75 -2.16
CA ALA A 391 -16.59 -36.45 -3.46
C ALA A 391 -15.54 -36.35 -4.58
N PRO A 392 -15.86 -36.86 -5.78
CA PRO A 392 -14.91 -36.79 -6.89
C PRO A 392 -14.79 -35.39 -7.48
N ARG A 393 -13.62 -35.12 -8.03
CA ARG A 393 -13.40 -33.90 -8.82
C ARG A 393 -14.52 -33.65 -9.81
N SER A 394 -15.03 -34.74 -10.41
CA SER A 394 -16.04 -34.58 -11.44
C SER A 394 -17.38 -34.05 -10.90
N ARG A 395 -17.56 -34.04 -9.59
CA ARG A 395 -18.80 -33.50 -9.01
C ARG A 395 -18.52 -32.21 -8.23
N ILE A 396 -17.28 -31.74 -8.25
CA ILE A 396 -16.93 -30.53 -7.47
C ILE A 396 -17.04 -29.32 -8.37
N ARG A 397 -18.03 -28.46 -8.13
CA ARG A 397 -18.32 -27.35 -9.02
C ARG A 397 -17.51 -26.13 -8.63
N TYR A 398 -17.14 -26.05 -7.36
CA TYR A 398 -16.29 -24.98 -6.83
C TYR A 398 -15.48 -25.49 -5.66
N GLU A 399 -14.21 -25.12 -5.62
CA GLU A 399 -13.31 -25.43 -4.50
C GLU A 399 -12.28 -24.35 -4.32
N ALA A 400 -12.14 -23.85 -3.09
CA ALA A 400 -11.01 -22.96 -2.78
C ALA A 400 -10.79 -23.02 -1.28
N ILE A 401 -9.60 -22.62 -0.86
CA ILE A 401 -9.33 -22.49 0.57
C ILE A 401 -9.45 -21.01 0.93
N HIS A 402 -10.36 -20.72 1.86
CA HIS A 402 -10.47 -19.35 2.36
C HIS A 402 -10.19 -19.33 3.86
N SER A 403 -9.78 -18.17 4.35
CA SER A 403 -9.52 -18.04 5.78
C SER A 403 -10.49 -17.07 6.45
N GLU A 404 -10.52 -17.15 7.79
CA GLU A 404 -11.45 -16.32 8.54
C GLU A 404 -10.84 -14.97 8.96
N GLU A 405 -11.62 -14.06 9.52
CA GLU A 405 -11.24 -12.66 9.80
C GLU A 405 -9.84 -12.58 10.42
N GLY A 406 -8.85 -12.03 9.73
CA GLY A 406 -7.49 -12.10 10.30
C GLY A 406 -7.18 -11.11 11.42
N GLY A 407 -8.14 -10.26 11.76
CA GLY A 407 -8.00 -9.48 13.00
C GLY A 407 -8.30 -10.28 14.26
N ARG A 408 -8.87 -11.47 14.19
CA ARG A 408 -9.30 -12.22 15.36
C ARG A 408 -8.79 -13.66 15.30
N PHE A 409 -8.53 -14.18 14.10
CA PHE A 409 -8.22 -15.60 13.92
C PHE A 409 -6.85 -15.77 13.26
N LEU A 410 -6.03 -16.68 13.78
CA LEU A 410 -4.70 -16.91 13.22
C LEU A 410 -4.77 -18.12 12.29
N GLY A 411 -4.75 -17.87 10.99
CA GLY A 411 -4.63 -18.96 10.02
C GLY A 411 -5.76 -19.96 10.10
N VAL A 412 -6.98 -19.47 10.34
CA VAL A 412 -8.12 -20.39 10.41
C VAL A 412 -8.63 -20.56 8.98
N ARG A 413 -8.49 -21.76 8.43
CA ARG A 413 -8.64 -21.99 7.00
C ARG A 413 -9.65 -23.14 6.88
N ALA A 414 -10.39 -23.15 5.77
CA ALA A 414 -11.26 -24.28 5.45
C ALA A 414 -11.29 -24.46 3.95
N ARG A 415 -11.53 -25.70 3.54
CA ARG A 415 -11.85 -26.01 2.18
C ARG A 415 -13.33 -25.68 1.99
N TYR A 416 -13.59 -24.73 1.10
CA TYR A 416 -14.98 -24.32 0.78
C TYR A 416 -15.35 -24.98 -0.54
N LEU A 417 -16.46 -25.72 -0.56
CA LEU A 417 -16.86 -26.56 -1.70
C LEU A 417 -18.32 -26.38 -2.09
N VAL A 418 -18.59 -26.48 -3.39
CA VAL A 418 -19.95 -26.64 -3.90
C VAL A 418 -19.92 -27.96 -4.68
N ILE A 419 -20.78 -28.91 -4.30
CA ILE A 419 -20.65 -30.27 -4.89
C ILE A 419 -22.01 -30.71 -5.37
N ASP A 420 -22.02 -31.21 -6.61
CA ASP A 420 -23.28 -31.67 -7.20
C ASP A 420 -23.61 -33.01 -6.58
N ALA A 421 -24.79 -33.14 -6.00
CA ALA A 421 -25.16 -34.40 -5.36
C ALA A 421 -25.62 -35.40 -6.42
N ASP A 422 -24.98 -36.57 -6.50
CA ASP A 422 -25.23 -37.50 -7.59
C ASP A 422 -26.64 -38.10 -7.51
N GLU A 423 -27.20 -38.17 -6.32
CA GLU A 423 -28.54 -38.73 -6.15
C GLU A 423 -29.40 -37.73 -5.41
N ALA A 424 -30.71 -37.83 -5.63
CA ALA A 424 -31.65 -37.11 -4.78
C ALA A 424 -31.45 -37.39 -3.27
N ILE A 425 -31.69 -36.36 -2.46
CA ILE A 425 -31.51 -36.54 -1.03
C ILE A 425 -32.78 -36.03 -0.37
N ASP A 426 -33.35 -36.93 0.42
CA ASP A 426 -34.45 -36.58 1.31
C ASP A 426 -33.82 -35.87 2.53
N PRO A 427 -34.09 -34.56 2.70
CA PRO A 427 -33.32 -33.88 3.75
C PRO A 427 -33.63 -34.49 5.13
N PRO A 428 -32.61 -34.70 5.97
CA PRO A 428 -32.85 -35.07 7.37
C PRO A 428 -33.44 -33.91 8.17
N PRO A 429 -33.95 -34.15 9.39
CA PRO A 429 -34.39 -33.04 10.21
C PRO A 429 -33.31 -31.97 10.31
N GLY A 430 -33.76 -30.73 10.13
CA GLY A 430 -32.82 -29.62 10.21
C GLY A 430 -32.30 -29.17 8.86
N TYR A 431 -32.61 -29.90 7.79
CA TYR A 431 -32.09 -29.54 6.47
C TYR A 431 -33.20 -29.27 5.46
N ALA A 432 -32.93 -28.43 4.47
CA ALA A 432 -33.94 -28.18 3.43
C ALA A 432 -33.27 -27.67 2.16
N TRP A 433 -33.93 -27.93 1.03
CA TRP A 433 -33.42 -27.44 -0.26
C TRP A 433 -33.90 -26.01 -0.52
N VAL A 434 -32.93 -25.12 -0.72
CA VAL A 434 -33.21 -23.67 -0.86
C VAL A 434 -32.45 -23.15 -2.07
N THR A 435 -33.03 -22.23 -2.86
CA THR A 435 -32.22 -21.73 -3.97
C THR A 435 -31.27 -20.64 -3.52
N PRO A 436 -30.13 -20.49 -4.20
CA PRO A 436 -29.24 -19.38 -3.86
C PRO A 436 -29.99 -18.04 -3.89
N ALA A 437 -30.89 -17.86 -4.87
CA ALA A 437 -31.65 -16.62 -4.87
C ALA A 437 -32.48 -16.37 -3.59
N GLN A 438 -33.07 -17.43 -3.02
CA GLN A 438 -33.75 -17.29 -1.73
C GLN A 438 -32.77 -16.87 -0.62
N LEU A 439 -31.55 -17.44 -0.62
CA LEU A 439 -30.53 -16.97 0.32
C LEU A 439 -30.18 -15.49 0.10
N THR A 440 -30.00 -15.05 -1.14
CA THR A 440 -29.71 -13.65 -1.43
C THR A 440 -30.82 -12.79 -0.86
N ALA A 441 -32.07 -13.22 -1.08
CA ALA A 441 -33.16 -12.38 -0.57
C ALA A 441 -33.16 -12.21 0.95
N LEU A 442 -32.84 -13.29 1.64
CA LEU A 442 -32.80 -13.31 3.09
C LEU A 442 -31.66 -12.43 3.61
N THR A 443 -30.61 -12.16 2.84
CA THR A 443 -29.49 -11.34 3.32
C THR A 443 -29.90 -9.87 3.42
N ARG A 444 -31.12 -9.50 3.04
CA ARG A 444 -31.59 -8.14 3.39
C ARG A 444 -31.83 -8.02 4.90
N HIS A 445 -31.91 -9.16 5.59
CA HIS A 445 -32.24 -9.19 7.00
C HIS A 445 -31.12 -9.90 7.77
N GLY A 446 -31.00 -9.58 9.06
CA GLY A 446 -30.05 -10.31 9.91
C GLY A 446 -30.52 -11.65 10.44
N HIS A 447 -29.52 -12.49 10.76
CA HIS A 447 -29.77 -13.72 11.49
C HIS A 447 -30.42 -14.82 10.67
N TYR A 448 -30.49 -14.64 9.34
CA TYR A 448 -30.93 -15.75 8.51
C TYR A 448 -29.77 -16.57 7.95
N VAL A 449 -28.71 -15.93 7.48
CA VAL A 449 -27.66 -16.66 6.74
C VAL A 449 -26.34 -16.51 7.50
N ASN A 450 -25.74 -17.64 7.92
CA ASN A 450 -24.55 -17.49 8.79
C ASN A 450 -23.30 -17.20 7.96
N VAL A 451 -22.21 -16.84 8.62
CA VAL A 451 -21.04 -16.35 7.89
C VAL A 451 -20.47 -17.33 6.85
N GLU A 452 -20.45 -18.61 7.23
CA GLU A 452 -19.94 -19.61 6.29
C GLU A 452 -20.86 -19.80 5.07
N ALA A 453 -22.17 -19.74 5.29
CA ALA A 453 -23.10 -19.77 4.16
C ALA A 453 -23.05 -18.51 3.32
N ARG A 454 -22.82 -17.34 3.93
CA ARG A 454 -22.60 -16.13 3.16
C ARG A 454 -21.32 -16.25 2.32
N THR A 455 -20.26 -16.83 2.87
CA THR A 455 -19.09 -17.06 2.03
C THR A 455 -19.45 -17.96 0.85
N LEU A 456 -20.16 -19.07 1.08
CA LEU A 456 -20.49 -19.92 -0.07
C LEU A 456 -21.47 -19.27 -1.06
N LEU A 457 -22.35 -18.39 -0.58
CA LEU A 457 -23.24 -17.70 -1.49
C LEU A 457 -22.38 -16.79 -2.39
N ALA A 458 -21.40 -16.10 -1.83
CA ALA A 458 -20.54 -15.24 -2.66
C ALA A 458 -19.76 -16.11 -3.65
N CYS A 459 -19.38 -17.32 -3.23
CA CYS A 459 -18.64 -18.20 -4.16
C CYS A 459 -19.58 -18.69 -5.26
N ILE A 460 -20.83 -19.05 -4.94
CA ILE A 460 -21.82 -19.43 -5.94
C ILE A 460 -22.11 -18.29 -6.92
N ASN A 461 -22.26 -17.08 -6.39
CA ASN A 461 -22.49 -15.97 -7.29
C ASN A 461 -21.30 -15.71 -8.21
N ALA A 462 -20.09 -15.91 -7.68
CA ALA A 462 -18.85 -15.72 -8.46
C ALA A 462 -18.76 -16.75 -9.58
N ALA A 463 -19.15 -17.99 -9.27
CA ALA A 463 -18.99 -19.10 -10.23
C ALA A 463 -20.06 -18.90 -11.30
N ALA A 464 -21.19 -18.33 -10.93
CA ALA A 464 -22.22 -18.07 -11.94
C ALA A 464 -21.81 -16.93 -12.87
N ALA A 465 -21.19 -15.88 -12.34
CA ALA A 465 -20.80 -14.71 -13.13
C ALA A 465 -19.62 -15.06 -14.03
N GLN A 466 -18.62 -15.79 -13.51
CA GLN A 466 -17.34 -15.95 -14.22
C GLN A 466 -16.90 -17.40 -14.03
N PRO A 467 -17.62 -18.32 -14.70
CA PRO A 467 -17.32 -19.74 -14.46
C PRO A 467 -15.88 -20.05 -14.86
N ARG A 468 -15.17 -20.83 -14.05
CA ARG A 468 -13.74 -21.14 -14.29
CA ARG A 468 -13.75 -21.10 -14.32
C ARG A 468 -13.66 -22.18 -15.40
N ALA B 11 38.64 31.52 -34.74
CA ALA B 11 37.31 31.32 -35.40
C ALA B 11 36.16 31.33 -34.38
N VAL B 12 35.33 32.35 -34.54
CA VAL B 12 34.21 32.52 -33.62
C VAL B 12 33.06 31.68 -34.19
N ARG B 13 32.02 31.45 -33.40
CA ARG B 13 30.83 30.73 -33.86
C ARG B 13 29.63 31.48 -33.24
N PRO B 14 28.41 31.25 -33.76
CA PRO B 14 27.24 31.83 -33.10
C PRO B 14 27.14 31.45 -31.63
N ARG B 15 26.62 32.39 -30.84
CA ARG B 15 26.57 32.16 -29.39
C ARG B 15 25.65 30.97 -29.05
N ASP B 16 24.71 30.74 -29.98
CA ASP B 16 23.81 29.58 -29.73
CA ASP B 16 23.69 29.68 -29.94
C ASP B 16 24.11 28.43 -30.69
N HIS B 17 25.37 28.34 -31.10
CA HIS B 17 25.82 27.28 -32.00
C HIS B 17 25.53 25.88 -31.48
N HIS B 18 25.20 24.98 -32.41
CA HIS B 18 25.05 23.56 -32.05
C HIS B 18 23.95 23.35 -31.01
N ASP B 19 22.77 23.88 -31.30
CA ASP B 19 21.57 23.68 -30.47
C ASP B 19 21.11 22.23 -30.61
N TYR B 20 21.04 21.52 -29.49
CA TYR B 20 20.64 20.10 -29.56
C TYR B 20 19.12 19.92 -29.43
N ALA B 21 18.34 21.00 -29.38
CA ALA B 21 16.91 20.83 -29.08
C ALA B 21 16.20 19.89 -30.06
N ASP B 22 16.43 20.03 -31.37
CA ASP B 22 15.66 19.20 -32.29
C ASP B 22 16.05 17.72 -32.12
N ARG B 23 17.32 17.41 -31.84
CA ARG B 23 17.70 16.01 -31.72
CA ARG B 23 17.76 16.04 -31.69
C ARG B 23 17.23 15.46 -30.37
N ILE B 24 17.19 16.31 -29.34
CA ILE B 24 16.63 15.87 -28.05
C ILE B 24 15.15 15.53 -28.26
N ALA B 25 14.44 16.40 -28.98
CA ALA B 25 13.01 16.16 -29.20
C ALA B 25 12.79 14.87 -29.97
N LEU B 26 13.60 14.59 -30.99
CA LEU B 26 13.40 13.36 -31.76
C LEU B 26 13.63 12.14 -30.88
N SER B 27 14.68 12.21 -30.06
CA SER B 27 14.97 11.11 -29.14
C SER B 27 13.81 10.90 -28.16
N ALA B 28 13.26 11.98 -27.62
CA ALA B 28 12.19 11.88 -26.63
C ALA B 28 10.93 11.31 -27.29
N ALA B 29 10.79 11.47 -28.61
CA ALA B 29 9.59 10.94 -29.27
C ALA B 29 9.73 9.47 -29.68
N THR B 30 10.89 8.85 -29.54
CA THR B 30 11.21 7.55 -30.14
C THR B 30 11.24 6.55 -28.99
N THR B 31 10.45 5.48 -29.04
CA THR B 31 10.64 4.43 -28.02
C THR B 31 11.30 3.15 -28.50
N ASP B 32 11.53 3.10 -29.81
CA ASP B 32 12.16 1.97 -30.47
CA ASP B 32 12.17 1.92 -30.39
C ASP B 32 13.68 2.15 -30.42
N GLY B 33 14.35 1.70 -29.37
CA GLY B 33 15.80 1.86 -29.25
C GLY B 33 16.59 0.72 -29.85
N VAL B 34 17.87 0.98 -30.10
CA VAL B 34 18.82 0.10 -30.78
C VAL B 34 19.15 -1.16 -29.98
N GLN B 35 19.13 -1.10 -28.65
CA GLN B 35 19.74 -2.14 -27.86
C GLN B 35 18.73 -3.09 -27.22
N MET B 36 17.66 -2.51 -26.69
CA MET B 36 16.78 -3.30 -25.83
C MET B 36 15.37 -2.70 -25.94
N ARG B 37 14.34 -3.55 -25.89
CA ARG B 37 12.98 -3.06 -25.78
C ARG B 37 12.76 -2.52 -24.36
N THR B 38 11.99 -1.44 -24.24
CA THR B 38 11.81 -0.89 -22.91
C THR B 38 11.24 -1.94 -21.94
N GLU B 39 10.33 -2.77 -22.45
CA GLU B 39 9.64 -3.71 -21.57
C GLU B 39 10.57 -4.79 -21.03
N ASP B 40 11.76 -4.95 -21.62
CA ASP B 40 12.76 -5.88 -21.14
C ASP B 40 13.81 -5.36 -20.17
N VAL B 41 13.77 -4.04 -19.92
CA VAL B 41 14.76 -3.43 -19.04
C VAL B 41 14.64 -3.95 -17.60
N ARG B 42 13.41 -4.14 -17.14
CA ARG B 42 13.22 -4.61 -15.76
C ARG B 42 13.98 -5.92 -15.57
N ALA B 43 13.79 -6.81 -16.54
CA ALA B 43 14.38 -8.16 -16.46
C ALA B 43 15.89 -8.09 -16.58
N TRP B 44 16.35 -7.18 -17.42
CA TRP B 44 17.78 -6.91 -17.51
C TRP B 44 18.36 -6.39 -16.21
N ILE B 45 17.69 -5.42 -15.56
CA ILE B 45 18.15 -5.03 -14.23
C ILE B 45 18.27 -6.17 -13.22
N ALA B 46 17.24 -7.01 -13.20
CA ALA B 46 17.22 -8.15 -12.28
C ALA B 46 18.36 -9.12 -12.60
N GLU B 47 18.60 -9.29 -13.89
CA GLU B 47 19.76 -10.06 -14.33
C GLU B 47 21.07 -9.49 -13.79
N ARG B 48 21.25 -8.18 -13.91
CA ARG B 48 22.41 -7.55 -13.32
C ARG B 48 22.50 -7.66 -11.79
N ARG B 49 21.36 -7.53 -11.13
CA ARG B 49 21.22 -7.74 -9.69
C ARG B 49 21.63 -9.17 -9.32
N ASP B 50 21.18 -10.12 -10.13
CA ASP B 50 21.46 -11.52 -9.83
C ASP B 50 22.91 -11.89 -10.14
N ALA B 51 23.54 -11.17 -11.07
CA ALA B 51 24.87 -11.54 -11.55
C ALA B 51 25.99 -11.39 -10.53
N ASN B 52 25.96 -10.39 -9.65
CA ASN B 52 26.64 -10.55 -8.36
C ASN B 52 25.73 -10.17 -7.20
N VAL B 53 25.51 -11.13 -6.30
CA VAL B 53 24.54 -10.91 -5.22
C VAL B 53 25.30 -10.05 -4.22
N PHE B 54 24.71 -8.90 -3.89
CA PHE B 54 25.19 -8.15 -2.74
C PHE B 54 24.26 -8.30 -1.55
N HIS B 55 24.94 -8.29 -0.40
CA HIS B 55 24.25 -8.31 0.86
C HIS B 55 24.67 -7.02 1.56
N VAL B 56 23.68 -6.25 1.98
CA VAL B 56 23.99 -5.08 2.81
C VAL B 56 23.40 -5.36 4.19
N GLU B 57 24.23 -5.27 5.22
CA GLU B 57 23.77 -5.54 6.57
C GLU B 57 24.08 -4.38 7.49
N ARG B 58 23.13 -4.02 8.35
CA ARG B 58 23.46 -3.02 9.34
C ARG B 58 24.43 -3.59 10.37
N ILE B 59 25.35 -2.74 10.81
CA ILE B 59 26.38 -3.13 11.77
C ILE B 59 26.50 -2.03 12.81
N PRO B 60 27.02 -2.36 14.00
CA PRO B 60 27.40 -1.29 14.92
C PRO B 60 28.52 -0.42 14.38
N PHE B 61 28.59 0.85 14.79
CA PHE B 61 29.68 1.76 14.41
C PHE B 61 31.06 1.16 14.72
N ALA B 62 31.19 0.50 15.87
CA ALA B 62 32.46 -0.15 16.20
C ALA B 62 32.92 -1.18 15.17
N ASP B 63 31.99 -1.71 14.37
CA ASP B 63 32.38 -2.67 13.35
C ASP B 63 32.73 -2.05 12.02
N LEU B 64 32.64 -0.73 11.93
CA LEU B 64 33.21 -0.08 10.75
C LEU B 64 34.70 -0.34 10.64
N ASP B 65 35.16 -0.59 9.41
CA ASP B 65 36.57 -0.81 9.12
C ASP B 65 36.99 0.43 8.34
N GLN B 66 37.96 1.17 8.88
CA GLN B 66 38.52 2.34 8.21
C GLN B 66 37.68 3.60 8.42
N TRP B 67 36.55 3.52 9.11
CA TRP B 67 35.87 4.73 9.60
C TRP B 67 36.02 4.85 11.11
N TRP B 68 36.06 6.08 11.63
CA TRP B 68 36.12 6.29 13.07
C TRP B 68 35.53 7.66 13.41
N PHE B 69 35.13 7.81 14.66
CA PHE B 69 34.79 9.12 15.19
C PHE B 69 36.12 9.73 15.62
N GLU B 70 36.58 10.69 14.83
CA GLU B 70 37.88 11.30 15.11
C GLU B 70 37.92 12.02 16.46
N GLY B 71 39.09 12.11 17.09
CA GLY B 71 39.03 12.44 18.52
C GLY B 71 38.48 13.76 19.04
N VAL B 72 38.93 14.87 18.48
CA VAL B 72 38.61 16.19 19.01
C VAL B 72 37.20 16.60 18.58
N THR B 73 36.85 16.28 17.35
CA THR B 73 35.53 16.68 16.85
C THR B 73 34.44 15.64 17.02
N GLY B 74 34.82 14.37 17.07
CA GLY B 74 33.76 13.36 17.04
C GLY B 74 33.14 13.17 15.67
N ASN B 75 33.69 13.83 14.65
CA ASN B 75 33.16 13.68 13.30
C ASN B 75 33.44 12.27 12.82
N LEU B 76 32.52 11.72 12.03
CA LEU B 76 32.68 10.35 11.54
C LEU B 76 33.36 10.47 10.20
N VAL B 77 34.58 9.92 10.10
CA VAL B 77 35.46 10.17 8.97
C VAL B 77 36.12 8.86 8.57
N HIS B 78 36.51 8.79 7.31
CA HIS B 78 37.26 7.66 6.76
C HIS B 78 38.74 7.90 7.01
N ARG B 79 39.47 6.90 7.48
CA ARG B 79 40.84 7.16 7.92
C ARG B 79 41.76 7.56 6.76
N SER B 80 41.37 7.24 5.52
CA SER B 80 42.17 7.69 4.38
C SER B 80 41.95 9.16 4.02
N GLY B 81 40.90 9.78 4.54
CA GLY B 81 40.59 11.15 4.09
C GLY B 81 39.72 11.16 2.86
N ARG B 82 39.51 9.99 2.25
CA ARG B 82 38.60 9.86 1.10
C ARG B 82 37.13 9.95 1.53
N PHE B 83 36.22 10.01 0.56
CA PHE B 83 34.79 9.88 0.78
C PHE B 83 34.27 11.13 1.49
N PHE B 84 33.23 10.93 2.29
CA PHE B 84 32.51 12.02 2.94
C PHE B 84 32.73 11.94 4.44
N THR B 85 32.26 12.94 5.16
CA THR B 85 32.30 12.91 6.62
C THR B 85 30.90 13.19 7.14
N ILE B 86 30.63 12.76 8.37
CA ILE B 86 29.44 13.22 9.06
C ILE B 86 29.88 14.17 10.16
N GLU B 87 29.38 15.41 10.11
CA GLU B 87 29.79 16.48 11.02
C GLU B 87 28.51 17.06 11.61
N GLY B 88 28.59 18.20 12.29
CA GLY B 88 27.39 18.82 12.86
C GLY B 88 27.08 20.14 12.16
N LEU B 89 25.83 20.55 12.31
CA LEU B 89 25.41 21.79 11.69
C LEU B 89 24.50 22.45 12.71
N HIS B 90 24.65 23.77 12.84
CA HIS B 90 23.77 24.60 13.65
C HIS B 90 23.19 25.68 12.76
N VAL B 91 21.87 25.73 12.73
CA VAL B 91 21.16 26.70 11.88
C VAL B 91 20.27 27.62 12.72
N ILE B 92 20.31 28.92 12.45
CA ILE B 92 19.33 29.87 13.00
C ILE B 92 18.73 30.68 11.85
N GLU B 93 17.41 30.68 11.79
CA GLU B 93 16.75 31.67 10.92
C GLU B 93 16.14 32.72 11.85
N HIS B 94 16.61 33.94 11.63
CA HIS B 94 16.18 35.08 12.44
C HIS B 94 14.90 35.70 11.89
N ASP B 95 14.09 36.18 12.82
CA ASP B 95 12.95 37.01 12.48
C ASP B 95 13.28 38.35 13.13
N GLY B 96 14.15 39.12 12.47
CA GLY B 96 14.97 40.04 13.25
C GLY B 96 15.01 41.36 12.50
N PRO B 97 16.02 42.18 12.80
CA PRO B 97 16.13 43.48 12.14
C PRO B 97 16.05 43.32 10.61
N HIS B 98 16.71 42.31 10.06
CA HIS B 98 16.76 42.15 8.61
C HIS B 98 16.47 40.73 8.13
N GLY B 99 15.50 40.07 8.76
CA GLY B 99 15.02 38.77 8.28
C GLY B 99 13.52 38.66 8.47
N ASP B 100 12.83 38.19 7.44
CA ASP B 100 11.38 37.98 7.50
C ASP B 100 10.91 36.88 8.46
N GLY B 101 11.79 35.95 8.83
CA GLY B 101 11.37 34.87 9.72
C GLY B 101 10.45 33.89 9.00
N PRO B 102 9.73 33.06 9.78
CA PRO B 102 9.80 33.02 11.24
C PRO B 102 11.15 32.57 11.81
N TYR B 103 11.35 32.78 13.11
CA TYR B 103 12.48 32.19 13.83
C TYR B 103 12.48 30.66 13.82
N ARG B 104 13.63 30.06 13.49
CA ARG B 104 13.85 28.61 13.61
C ARG B 104 15.26 28.44 14.16
N GLU B 105 15.51 27.39 14.94
CA GLU B 105 16.87 27.12 15.36
C GLU B 105 17.01 25.64 15.67
N TRP B 106 18.07 25.00 15.18
CA TRP B 106 18.26 23.59 15.45
C TRP B 106 19.70 23.18 15.18
N GLN B 107 20.08 22.02 15.67
CA GLN B 107 21.34 21.39 15.29
C GLN B 107 21.08 19.98 14.79
N GLN B 108 21.96 19.49 13.92
CA GLN B 108 21.81 18.19 13.31
C GLN B 108 23.15 17.67 12.85
N PRO B 109 23.26 16.34 12.70
CA PRO B 109 24.36 15.82 11.90
C PRO B 109 24.15 16.28 10.44
N VAL B 110 25.23 16.24 9.68
CA VAL B 110 25.14 16.61 8.25
C VAL B 110 26.23 15.89 7.48
N ILE B 111 25.96 15.58 6.21
CA ILE B 111 27.00 14.99 5.38
C ILE B 111 27.84 16.07 4.69
N ARG B 112 29.17 15.97 4.75
CA ARG B 112 30.06 16.94 4.12
C ARG B 112 31.02 16.20 3.18
N GLN B 113 31.20 16.77 1.99
CA GLN B 113 32.20 16.25 1.09
C GLN B 113 32.58 17.38 0.13
N PRO B 114 33.64 18.13 0.47
CA PRO B 114 33.96 19.41 -0.18
C PRO B 114 34.73 19.24 -1.47
N GLU B 115 34.09 18.54 -2.39
CA GLU B 115 34.72 18.10 -3.63
C GLU B 115 33.57 17.81 -4.58
N VAL B 116 33.72 18.20 -5.84
CA VAL B 116 32.59 18.11 -6.77
C VAL B 116 32.78 16.78 -7.50
N GLY B 117 31.73 15.98 -7.60
CA GLY B 117 31.77 14.69 -8.30
C GLY B 117 31.28 14.89 -9.72
N ILE B 118 31.55 13.88 -10.55
CA ILE B 118 31.10 13.94 -11.93
C ILE B 118 29.88 13.02 -12.03
N LEU B 119 28.81 13.54 -12.61
CA LEU B 119 27.60 12.73 -12.97
C LEU B 119 27.44 12.94 -14.45
N GLY B 120 27.85 11.95 -15.24
CA GLY B 120 27.97 12.17 -16.69
C GLY B 120 27.15 11.14 -17.44
N ILE B 121 26.34 11.62 -18.38
CA ILE B 121 25.63 10.73 -19.31
C ILE B 121 26.19 10.92 -20.70
N LEU B 122 26.62 9.81 -21.30
CA LEU B 122 27.21 9.84 -22.63
C LEU B 122 26.10 9.58 -23.65
N ALA B 123 26.08 10.38 -24.73
CA ALA B 123 25.04 10.28 -25.74
C ALA B 123 25.69 9.92 -27.09
N LYS B 124 24.96 9.20 -27.93
CA LYS B 124 25.48 8.83 -29.26
C LYS B 124 24.29 8.52 -30.15
N GLU B 125 24.38 8.95 -31.41
CA GLU B 125 23.35 8.59 -32.35
C GLU B 125 23.49 7.15 -32.88
N PHE B 126 22.34 6.48 -32.95
CA PHE B 126 22.31 5.19 -33.63
C PHE B 126 21.06 5.27 -34.50
N ASP B 127 21.20 4.88 -35.77
CA ASP B 127 20.07 4.95 -36.71
C ASP B 127 19.42 6.34 -36.72
N GLY B 128 20.23 7.37 -36.58
CA GLY B 128 19.74 8.74 -36.62
C GLY B 128 19.08 9.32 -35.37
N VAL B 129 19.11 8.56 -34.27
CA VAL B 129 18.43 8.99 -33.06
C VAL B 129 19.41 8.95 -31.86
N LEU B 130 19.46 10.02 -31.08
CA LEU B 130 20.36 9.96 -29.92
C LEU B 130 19.89 8.90 -28.93
N HIS B 131 20.88 8.17 -28.44
CA HIS B 131 20.67 7.31 -27.27
C HIS B 131 21.59 7.75 -26.15
N PHE B 132 21.31 7.26 -24.94
CA PHE B 132 22.06 7.70 -23.75
C PHE B 132 22.47 6.43 -23.02
N LEU B 133 23.72 6.38 -22.55
CA LEU B 133 24.31 5.13 -22.09
C LEU B 133 24.11 5.00 -20.58
N MET B 134 23.05 4.28 -20.21
CA MET B 134 22.71 4.19 -18.80
C MET B 134 23.41 2.99 -18.15
N GLN B 135 23.69 3.09 -16.86
CA GLN B 135 24.44 2.00 -16.20
C GLN B 135 23.61 1.35 -15.11
N ALA B 136 23.50 0.01 -15.13
CA ALA B 136 22.84 -0.68 -14.03
C ALA B 136 23.87 -0.73 -12.91
N LYS B 137 23.60 -0.04 -11.81
CA LYS B 137 24.65 0.18 -10.82
C LYS B 137 24.13 -0.21 -9.45
N MET B 138 24.86 -1.09 -8.76
CA MET B 138 24.50 -1.41 -7.39
C MET B 138 25.04 -0.30 -6.50
N GLU B 139 24.17 0.25 -5.65
CA GLU B 139 24.56 1.09 -4.52
C GLU B 139 23.90 0.54 -3.26
N PRO B 140 24.62 0.55 -2.12
CA PRO B 140 24.20 -0.19 -0.95
C PRO B 140 22.91 0.30 -0.33
N GLY B 141 22.60 1.59 -0.48
CA GLY B 141 21.34 2.11 0.05
C GLY B 141 20.16 2.04 -0.89
N ASN B 142 20.39 1.60 -2.12
CA ASN B 142 19.24 1.40 -3.00
C ASN B 142 18.33 0.32 -2.44
N PRO B 143 17.05 0.64 -2.26
CA PRO B 143 16.21 -0.34 -1.55
C PRO B 143 16.06 -1.66 -2.32
N ASN B 144 16.15 -1.56 -3.64
CA ASN B 144 16.24 -2.71 -4.54
C ASN B 144 17.60 -3.03 -5.18
N LEU B 145 18.66 -2.52 -4.56
CA LEU B 145 20.09 -2.68 -4.82
C LEU B 145 20.57 -2.05 -6.14
N VAL B 146 19.94 -2.40 -7.26
CA VAL B 146 20.44 -1.94 -8.55
C VAL B 146 19.41 -0.98 -9.15
N GLN B 147 19.81 0.22 -9.59
CA GLN B 147 19.00 1.17 -10.34
C GLN B 147 19.89 1.68 -11.48
N LEU B 148 19.29 2.45 -12.38
CA LEU B 148 20.04 3.01 -13.52
C LEU B 148 20.68 4.36 -13.19
N SER B 149 22.00 4.37 -13.26
CA SER B 149 22.85 5.51 -12.90
C SER B 149 23.36 6.16 -14.18
N PRO B 150 23.96 7.36 -14.06
CA PRO B 150 24.65 7.89 -15.23
C PRO B 150 25.80 7.01 -15.74
N THR B 151 26.21 7.27 -16.97
CA THR B 151 27.30 6.49 -17.59
C THR B 151 28.50 6.51 -16.66
N VAL B 152 28.79 7.68 -16.09
CA VAL B 152 29.95 7.90 -15.23
C VAL B 152 29.44 8.57 -13.96
N GLN B 153 29.77 7.96 -12.82
CA GLN B 153 29.38 8.53 -11.53
C GLN B 153 30.62 8.38 -10.65
N ALA B 154 31.47 9.40 -10.50
CA ALA B 154 32.85 9.35 -9.98
C ALA B 154 33.32 10.66 -9.35
N THR B 155 34.28 10.61 -8.43
CA THR B 155 34.91 11.79 -7.86
C THR B 155 36.44 11.68 -7.87
N ARG B 156 37.18 12.77 -8.11
CA ARG B 156 38.64 12.71 -8.21
C ARG B 156 39.41 12.20 -6.98
N SER B 157 38.90 12.38 -5.77
CA SER B 157 39.57 11.77 -4.62
C SER B 157 39.61 10.23 -4.63
N ASN B 158 38.85 9.57 -5.50
CA ASN B 158 39.00 8.13 -5.74
C ASN B 158 40.05 7.69 -6.76
N ASN B 167 40.42 2.76 -12.31
CA ASN B 167 39.58 2.60 -13.49
C ASN B 167 38.12 2.99 -13.24
N VAL B 168 37.72 4.20 -13.59
CA VAL B 168 36.29 4.38 -13.85
C VAL B 168 36.04 4.32 -15.36
N LYS B 169 35.19 3.40 -15.81
CA LYS B 169 34.95 3.21 -17.22
C LYS B 169 34.41 4.51 -17.83
N LEU B 170 34.97 4.92 -18.97
CA LEU B 170 34.43 5.99 -19.82
C LEU B 170 34.63 7.40 -19.23
N ILE B 171 35.40 7.50 -18.16
CA ILE B 171 35.63 8.77 -17.47
C ILE B 171 36.27 9.77 -18.43
N GLU B 172 37.03 9.25 -19.39
CA GLU B 172 37.73 10.07 -20.36
C GLU B 172 36.81 11.00 -21.15
N TYR B 173 35.54 10.64 -21.29
CA TYR B 173 34.60 11.49 -22.02
C TYR B 173 34.16 12.70 -21.20
N PHE B 174 34.53 12.77 -19.92
CA PHE B 174 34.00 13.83 -19.05
C PHE B 174 35.12 14.58 -18.34
N ALA B 175 36.36 14.26 -18.71
CA ALA B 175 37.48 14.66 -17.85
C ALA B 175 38.75 14.87 -18.66
N PRO B 176 38.75 15.94 -19.47
CA PRO B 176 37.67 16.90 -19.65
C PRO B 176 36.79 16.49 -20.82
N PRO B 177 35.55 17.01 -20.85
CA PRO B 177 34.73 16.76 -22.03
C PRO B 177 35.21 17.47 -23.27
N ASP B 178 34.92 16.88 -24.42
CA ASP B 178 35.19 17.62 -25.64
C ASP B 178 34.27 18.84 -25.77
N PRO B 179 34.77 20.08 -25.83
CA PRO B 179 33.91 21.26 -25.84
C PRO B 179 32.97 21.31 -27.04
N GLU B 180 33.33 20.54 -28.07
CA GLU B 180 32.49 20.60 -29.26
C GLU B 180 31.31 19.64 -29.11
N ARG B 181 31.24 18.92 -28.00
CA ARG B 181 30.20 17.90 -27.88
C ARG B 181 29.40 18.03 -26.60
N VAL B 182 29.47 19.21 -25.95
CA VAL B 182 28.78 19.33 -24.68
C VAL B 182 27.32 19.74 -24.90
N ILE B 183 26.42 18.92 -24.37
CA ILE B 183 24.99 19.22 -24.35
C ILE B 183 24.66 19.94 -23.05
N VAL B 184 25.09 19.41 -21.90
CA VAL B 184 24.79 19.94 -20.57
C VAL B 184 26.13 19.90 -19.83
N ASP B 185 26.48 20.95 -19.09
CA ASP B 185 27.57 20.91 -18.10
C ASP B 185 27.29 22.00 -17.06
N VAL B 186 26.96 21.61 -15.84
CA VAL B 186 26.46 22.58 -14.84
C VAL B 186 26.63 21.98 -13.46
N LEU B 187 26.91 22.82 -12.46
CA LEU B 187 26.91 22.31 -11.08
C LEU B 187 25.52 22.38 -10.48
N GLN B 188 25.05 21.31 -9.85
CA GLN B 188 23.74 21.39 -9.21
C GLN B 188 23.81 20.83 -7.77
N ALA B 189 23.09 21.49 -6.88
CA ALA B 189 23.25 21.16 -5.46
C ALA B 189 22.53 19.89 -5.09
N GLU B 190 23.04 19.17 -4.08
CA GLU B 190 22.28 18.05 -3.51
C GLU B 190 21.37 18.44 -2.34
N GLN B 191 20.84 17.41 -1.67
CA GLN B 191 19.74 17.74 -0.75
C GLN B 191 20.17 18.69 0.36
N GLY B 192 19.42 19.76 0.56
CA GLY B 192 19.85 20.81 1.48
C GLY B 192 19.52 20.47 2.91
N SER B 193 18.69 19.46 3.14
CA SER B 193 18.41 19.05 4.52
C SER B 193 19.56 18.17 5.02
N TRP B 194 20.22 17.38 4.18
CA TRP B 194 21.17 16.36 4.66
C TRP B 194 22.62 16.61 4.26
N PHE B 195 22.93 17.45 3.28
CA PHE B 195 24.31 17.70 2.88
C PHE B 195 24.63 19.17 3.11
N PHE B 196 25.88 19.40 3.49
CA PHE B 196 26.28 20.80 3.73
C PHE B 196 26.95 21.31 2.44
N ARG B 197 26.17 22.10 1.71
CA ARG B 197 26.73 22.88 0.60
C ARG B 197 27.47 22.02 -0.42
N LYS B 198 26.84 20.91 -0.81
CA LYS B 198 27.44 19.97 -1.75
C LYS B 198 26.75 20.09 -3.12
N SER B 199 27.55 20.16 -4.18
CA SER B 199 26.98 20.12 -5.55
C SER B 199 27.84 19.08 -6.30
N ASN B 200 27.27 18.54 -7.38
CA ASN B 200 28.04 17.69 -8.26
C ASN B 200 27.88 18.28 -9.69
N ARG B 201 28.79 17.88 -10.57
CA ARG B 201 28.86 18.43 -11.93
C ARG B 201 28.01 17.51 -12.79
N ASN B 202 26.90 18.07 -13.28
CA ASN B 202 25.95 17.30 -14.11
C ASN B 202 26.35 17.50 -15.56
N MET B 203 26.66 16.43 -16.30
CA MET B 203 27.17 16.53 -17.67
C MET B 203 26.43 15.60 -18.63
N ILE B 204 26.17 16.12 -19.83
CA ILE B 204 25.71 15.21 -20.89
C ILE B 204 26.53 15.56 -22.12
N VAL B 205 27.22 14.58 -22.71
CA VAL B 205 28.25 14.84 -23.70
CA VAL B 205 28.16 14.92 -23.76
C VAL B 205 28.00 13.87 -24.84
N GLU B 206 28.05 14.32 -26.09
CA GLU B 206 27.87 13.37 -27.21
C GLU B 206 29.19 12.83 -27.70
N THR B 207 29.15 11.61 -28.24
CA THR B 207 30.35 11.12 -28.99
C THR B 207 29.85 10.56 -30.31
N VAL B 208 30.74 10.51 -31.33
CA VAL B 208 30.45 9.73 -32.53
C VAL B 208 31.42 8.52 -32.58
N ASP B 209 32.26 8.35 -31.57
CA ASP B 209 33.15 7.17 -31.52
C ASP B 209 32.40 5.84 -31.34
N ASP B 210 33.05 4.72 -31.68
CA ASP B 210 32.60 3.40 -31.24
CA ASP B 210 32.54 3.44 -31.22
C ASP B 210 32.83 3.38 -29.73
N VAL B 211 31.81 3.10 -28.92
CA VAL B 211 32.03 3.11 -27.49
C VAL B 211 32.06 1.68 -26.93
N PRO B 212 33.09 1.36 -26.11
CA PRO B 212 33.05 -0.01 -25.56
C PRO B 212 31.83 -0.25 -24.67
N LEU B 213 31.23 -1.43 -24.77
CA LEU B 213 30.07 -1.76 -23.93
C LEU B 213 30.38 -2.91 -22.96
N TRP B 214 30.27 -2.64 -21.67
CA TRP B 214 30.35 -3.62 -20.61
C TRP B 214 28.94 -4.07 -20.23
N ASP B 215 28.87 -5.18 -19.49
CA ASP B 215 27.57 -5.83 -19.32
C ASP B 215 26.57 -4.97 -18.53
N ASP B 216 27.06 -4.01 -17.76
CA ASP B 216 26.14 -3.23 -16.93
C ASP B 216 25.63 -1.99 -17.66
N PHE B 217 25.87 -1.88 -18.95
CA PHE B 217 25.49 -0.63 -19.65
C PHE B 217 24.47 -0.89 -20.76
N CYS B 218 23.54 0.04 -20.97
CA CYS B 218 22.58 -0.13 -22.05
C CYS B 218 22.30 1.24 -22.65
N TRP B 219 22.40 1.32 -23.97
CA TRP B 219 21.96 2.48 -24.71
C TRP B 219 20.45 2.57 -24.77
N LEU B 220 19.90 3.75 -24.43
CA LEU B 220 18.43 3.90 -24.38
C LEU B 220 18.07 5.27 -24.99
N THR B 221 16.98 5.36 -25.75
CA THR B 221 16.58 6.68 -26.26
C THR B 221 15.95 7.47 -25.10
N LEU B 222 15.80 8.77 -25.29
CA LEU B 222 15.15 9.55 -24.25
C LEU B 222 13.70 9.12 -24.07
N GLY B 223 13.02 8.68 -25.13
CA GLY B 223 11.64 8.19 -25.01
C GLY B 223 11.63 6.92 -24.18
N GLN B 224 12.64 6.07 -24.35
CA GLN B 224 12.66 4.89 -23.46
C GLN B 224 12.93 5.27 -22.00
N ILE B 225 13.84 6.21 -21.79
CA ILE B 225 14.09 6.71 -20.40
C ILE B 225 12.79 7.37 -19.91
N ALA B 226 12.06 8.10 -20.74
CA ALA B 226 10.79 8.70 -20.32
C ALA B 226 9.82 7.63 -19.82
N GLU B 227 9.73 6.52 -20.55
CA GLU B 227 8.87 5.46 -20.03
C GLU B 227 9.35 4.91 -18.68
N LEU B 228 10.66 4.68 -18.60
CA LEU B 228 11.23 4.14 -17.38
C LEU B 228 11.12 5.10 -16.19
N MET B 229 11.07 6.39 -16.50
CA MET B 229 10.90 7.42 -15.46
CA MET B 229 10.90 7.41 -15.46
C MET B 229 9.57 7.27 -14.71
N HIS B 230 8.61 6.58 -15.32
CA HIS B 230 7.33 6.37 -14.64
C HIS B 230 7.36 5.19 -13.70
N GLU B 231 8.41 4.39 -13.73
CA GLU B 231 8.45 3.22 -12.88
C GLU B 231 9.08 3.55 -11.53
N ASP B 232 8.64 2.85 -10.49
CA ASP B 232 9.30 3.10 -9.21
C ASP B 232 10.74 2.65 -9.15
N GLU B 233 11.63 3.40 -8.49
CA GLU B 233 12.96 2.94 -8.11
C GLU B 233 13.72 2.29 -9.28
N THR B 234 13.71 3.02 -10.40
CA THR B 234 14.34 2.54 -11.62
C THR B 234 15.46 3.49 -12.10
N ILE B 235 15.02 4.69 -12.46
CA ILE B 235 15.99 5.71 -12.87
C ILE B 235 16.50 6.38 -11.59
N ASN B 236 17.80 6.27 -11.31
CA ASN B 236 18.27 6.70 -9.99
C ASN B 236 18.40 8.23 -9.82
N MET B 237 18.62 8.64 -8.57
CA MET B 237 18.55 10.07 -8.25
C MET B 237 19.53 10.90 -9.09
N ASN B 238 20.73 10.37 -9.27
CA ASN B 238 21.74 11.14 -9.99
C ASN B 238 21.38 11.17 -11.47
N SER B 239 20.81 10.09 -12.02
CA SER B 239 20.31 10.15 -13.37
C SER B 239 19.19 11.18 -13.52
N ARG B 240 18.22 11.19 -12.62
CA ARG B 240 17.14 12.17 -12.73
C ARG B 240 17.71 13.59 -12.68
N SER B 241 18.68 13.85 -11.79
CA SER B 241 19.25 15.20 -11.73
C SER B 241 19.87 15.58 -13.08
N VAL B 242 20.67 14.70 -13.69
CA VAL B 242 21.32 15.11 -14.96
C VAL B 242 20.26 15.26 -16.05
N LEU B 243 19.28 14.34 -16.13
CA LEU B 243 18.28 14.39 -17.20
C LEU B 243 17.42 15.66 -17.08
N SER B 244 17.18 16.15 -15.86
CA SER B 244 16.39 17.35 -15.64
C SER B 244 17.07 18.57 -16.27
N CYS B 245 18.37 18.48 -16.58
CA CYS B 245 19.08 19.63 -17.17
C CYS B 245 18.95 19.68 -18.70
N LEU B 246 18.31 18.70 -19.33
CA LEU B 246 18.25 18.69 -20.80
C LEU B 246 17.51 19.91 -21.30
N PRO B 247 18.14 20.58 -22.27
CA PRO B 247 17.55 21.81 -22.79
C PRO B 247 16.59 21.70 -23.96
N TYR B 248 15.39 21.25 -23.63
CA TYR B 248 14.27 21.29 -24.58
C TYR B 248 13.91 22.68 -25.08
N GLN B 249 13.41 22.78 -26.33
CA GLN B 249 12.85 24.07 -26.74
C GLN B 249 11.47 24.34 -26.18
N ASP B 250 11.14 25.53 -25.66
CA ASP B 250 9.79 25.80 -25.08
C ASP B 250 8.72 25.86 -26.19
N ILE B 251 7.69 25.01 -26.14
CA ILE B 251 6.60 24.93 -27.11
C ILE B 251 5.57 26.06 -26.88
N THR B 252 5.53 26.61 -25.67
CA THR B 252 4.56 27.67 -25.32
C THR B 252 5.28 28.77 -24.52
N PRO B 253 5.98 29.66 -25.23
CA PRO B 253 6.89 30.60 -24.60
C PRO B 253 6.28 31.82 -23.91
N ARG B 254 5.29 31.59 -23.04
CA ARG B 254 4.62 32.63 -22.29
C ARG B 254 4.63 32.09 -20.87
N ALA B 255 4.46 33.01 -19.93
CA ALA B 255 4.35 32.60 -18.55
C ALA B 255 3.74 33.75 -17.74
N LEU B 256 3.29 33.40 -16.53
CA LEU B 256 2.68 34.41 -15.67
C LEU B 256 3.74 35.48 -15.33
N PHE B 257 4.93 35.02 -14.94
CA PHE B 257 6.07 35.94 -14.83
C PHE B 257 6.92 35.93 -16.10
N SER B 258 7.30 37.10 -16.60
CA SER B 258 8.38 37.09 -17.59
C SER B 258 9.65 36.54 -16.93
N ASP B 259 10.61 36.17 -17.76
CA ASP B 259 11.81 35.58 -17.16
C ASP B 259 12.50 36.61 -16.27
N VAL B 260 12.51 37.89 -16.66
CA VAL B 260 13.06 38.90 -15.73
C VAL B 260 12.24 39.04 -14.46
N GLN B 261 10.90 39.02 -14.56
CA GLN B 261 10.06 39.08 -13.36
C GLN B 261 10.31 37.90 -12.42
N LEU B 262 10.58 36.74 -13.03
CA LEU B 262 10.89 35.52 -12.22
C LEU B 262 12.22 35.72 -11.48
N LEU B 263 13.23 36.21 -12.19
CA LEU B 263 14.51 36.43 -11.52
C LEU B 263 14.37 37.49 -10.43
N SER B 264 13.55 38.50 -10.69
CA SER B 264 13.32 39.53 -9.66
C SER B 264 12.62 38.96 -8.43
N TRP B 265 11.56 38.17 -8.64
CA TRP B 265 10.88 37.53 -7.51
C TRP B 265 11.87 36.68 -6.72
N PHE B 266 12.71 35.92 -7.42
CA PHE B 266 13.59 34.99 -6.72
C PHE B 266 14.69 35.76 -5.99
N THR B 267 15.12 36.88 -6.58
CA THR B 267 16.12 37.74 -5.96
C THR B 267 15.56 38.26 -4.62
N ASN B 268 14.28 38.66 -4.63
CA ASN B 268 13.70 39.10 -3.38
C ASN B 268 13.60 37.95 -2.37
N GLU B 269 13.26 36.73 -2.82
CA GLU B 269 13.26 35.60 -1.86
C GLU B 269 14.64 35.37 -1.27
N ARG B 270 15.68 35.44 -2.08
CA ARG B 270 17.02 35.15 -1.60
C ARG B 270 17.50 36.28 -0.68
N SER B 271 16.91 37.48 -0.76
CA SER B 271 17.40 38.65 -0.01
C SER B 271 16.63 38.84 1.30
N ARG B 272 15.44 38.27 1.45
CA ARG B 272 14.51 38.66 2.51
C ARG B 272 14.56 37.83 3.77
N HIS B 273 15.42 36.81 3.77
CA HIS B 273 15.58 35.97 4.96
C HIS B 273 16.89 36.31 5.69
N ASP B 274 16.98 35.96 6.97
CA ASP B 274 18.28 36.12 7.61
C ASP B 274 18.58 34.74 8.23
N VAL B 275 19.35 33.95 7.49
CA VAL B 275 19.70 32.60 7.89
C VAL B 275 21.18 32.58 8.21
N ARG B 276 21.54 32.08 9.38
CA ARG B 276 22.95 31.95 9.71
C ARG B 276 23.24 30.48 10.05
N VAL B 277 24.29 29.94 9.45
CA VAL B 277 24.60 28.53 9.62
C VAL B 277 26.04 28.44 10.07
N ARG B 278 26.34 27.44 10.91
CA ARG B 278 27.75 27.15 11.10
C ARG B 278 27.92 25.64 11.21
N ARG B 279 29.05 25.21 10.67
CA ARG B 279 29.42 23.81 10.82
C ARG B 279 30.03 23.65 12.22
N ILE B 280 29.68 22.59 12.95
CA ILE B 280 30.18 22.39 14.30
C ILE B 280 30.59 20.93 14.42
N PRO B 281 31.40 20.58 15.43
CA PRO B 281 31.74 19.17 15.65
C PRO B 281 30.51 18.29 15.86
N LEU B 282 30.52 17.10 15.29
CA LEU B 282 29.38 16.20 15.47
C LEU B 282 29.18 15.95 16.97
N ALA B 283 30.28 15.90 17.72
CA ALA B 283 30.13 15.64 19.15
C ALA B 283 29.34 16.73 19.87
N ASP B 284 29.30 17.92 19.30
CA ASP B 284 28.68 19.07 19.94
C ASP B 284 27.19 19.19 19.63
N VAL B 285 26.64 18.32 18.77
CA VAL B 285 25.25 18.53 18.30
C VAL B 285 24.27 18.24 19.43
N CYS B 286 23.42 19.20 19.76
CA CYS B 286 22.39 19.04 20.79
C CYS B 286 21.12 18.46 20.20
N GLY B 287 20.41 17.64 20.97
CA GLY B 287 19.14 17.09 20.48
C GLY B 287 19.23 15.74 19.76
N TRP B 288 20.43 15.19 19.61
CA TRP B 288 20.67 13.94 18.92
C TRP B 288 21.44 13.05 19.87
N LYS B 289 21.13 11.75 19.90
CA LYS B 289 21.79 10.81 20.80
C LYS B 289 22.64 9.88 19.94
N GLN B 290 23.91 9.68 20.30
CA GLN B 290 24.76 8.74 19.58
C GLN B 290 24.85 7.45 20.39
N GLY B 291 24.28 6.37 19.86
CA GLY B 291 24.36 5.06 20.50
C GLY B 291 25.34 4.18 19.76
N ALA B 292 25.27 2.88 20.03
CA ALA B 292 26.23 1.94 19.46
C ALA B 292 25.97 1.63 17.99
N GLU B 293 24.73 1.82 17.58
CA GLU B 293 24.35 1.49 16.22
C GLU B 293 23.88 2.68 15.36
N GLU B 294 23.34 3.71 16.01
CA GLU B 294 22.69 4.81 15.27
C GLU B 294 22.91 6.11 16.00
N ILE B 295 22.90 7.21 15.25
CA ILE B 295 22.79 8.54 15.83
C ILE B 295 21.39 8.95 15.41
N GLU B 296 20.57 9.30 16.39
CA GLU B 296 19.19 9.63 16.10
C GLU B 296 18.67 10.82 16.90
N HIS B 297 17.60 11.41 16.40
CA HIS B 297 17.05 12.59 17.06
C HIS B 297 16.29 12.14 18.32
N GLU B 298 16.37 13.00 19.33
CA GLU B 298 15.81 12.61 20.63
C GLU B 298 14.29 12.38 20.61
N ASP B 299 13.56 12.96 19.65
CA ASP B 299 12.13 12.74 19.46
C ASP B 299 11.82 11.89 18.23
N GLY B 300 12.84 11.29 17.62
CA GLY B 300 12.55 10.29 16.60
C GLY B 300 12.19 10.89 15.24
N ARG B 301 12.47 12.18 15.05
CA ARG B 301 12.17 12.84 13.76
C ARG B 301 13.38 12.86 12.82
N TYR B 302 13.13 13.25 11.56
CA TYR B 302 14.21 13.62 10.63
C TYR B 302 14.92 12.44 9.98
N PHE B 303 15.99 11.91 10.58
CA PHE B 303 16.71 10.83 9.96
C PHE B 303 17.56 10.15 11.05
N LYS B 304 18.22 9.05 10.70
CA LYS B 304 19.25 8.51 11.57
C LYS B 304 20.55 8.31 10.81
N VAL B 305 21.70 8.37 11.47
CA VAL B 305 22.96 7.97 10.86
C VAL B 305 23.22 6.54 11.35
N LEU B 306 23.54 5.63 10.44
CA LEU B 306 23.80 4.23 10.79
C LEU B 306 25.02 3.72 10.03
N ALA B 307 25.37 2.43 10.16
CA ALA B 307 26.56 1.88 9.53
C ALA B 307 26.13 0.56 8.89
N VAL B 308 26.75 0.24 7.76
CA VAL B 308 26.47 -0.98 7.04
C VAL B 308 27.74 -1.66 6.58
N ALA B 309 27.63 -2.96 6.39
CA ALA B 309 28.71 -3.71 5.78
C ALA B 309 28.11 -4.19 4.46
N VAL B 310 28.92 -4.09 3.42
CA VAL B 310 28.52 -4.41 2.05
C VAL B 310 29.42 -5.56 1.62
N LYS B 311 28.82 -6.69 1.25
CA LYS B 311 29.60 -7.87 0.88
C LYS B 311 29.03 -8.44 -0.42
N GLY B 312 29.87 -8.66 -1.41
CA GLY B 312 29.45 -9.28 -2.66
C GLY B 312 29.44 -10.81 -2.72
N SER B 319 33.31 -6.56 1.21
CA SER B 319 34.19 -5.70 0.44
C SER B 319 34.34 -4.30 1.02
N TRP B 320 33.31 -3.71 1.64
CA TRP B 320 33.57 -2.49 2.40
C TRP B 320 32.56 -2.18 3.48
N THR B 321 32.82 -1.18 4.32
CA THR B 321 31.81 -0.77 5.28
C THR B 321 31.71 0.76 5.19
N GLN B 322 30.53 1.29 5.51
CA GLN B 322 30.37 2.75 5.50
C GLN B 322 29.16 3.20 6.28
N PRO B 323 29.15 4.48 6.69
CA PRO B 323 27.92 5.06 7.20
C PRO B 323 26.89 5.27 6.09
N LEU B 324 25.62 5.28 6.48
CA LEU B 324 24.50 5.67 5.61
C LEU B 324 23.55 6.54 6.41
N VAL B 325 22.77 7.40 5.75
CA VAL B 325 21.69 8.08 6.44
C VAL B 325 20.35 7.50 6.00
N GLU B 326 19.48 7.23 6.98
CA GLU B 326 18.14 6.74 6.68
C GLU B 326 17.08 7.71 7.16
N SER B 327 15.98 7.91 6.44
CA SER B 327 14.97 8.86 6.90
C SER B 327 14.02 8.08 7.82
N VAL B 328 13.18 8.81 8.54
CA VAL B 328 12.27 8.21 9.50
C VAL B 328 10.92 7.81 8.89
N ASP B 329 10.60 8.21 7.65
CA ASP B 329 9.25 7.99 7.09
C ASP B 329 9.41 8.08 5.57
N LEU B 330 8.41 7.62 4.82
CA LEU B 330 8.31 7.91 3.37
C LEU B 330 8.04 9.39 3.14
N GLY B 331 8.84 10.06 2.32
CA GLY B 331 8.59 11.46 2.03
C GLY B 331 7.47 11.70 1.02
N VAL B 332 7.02 12.95 0.92
CA VAL B 332 5.97 13.35 -0.02
C VAL B 332 6.57 14.56 -0.73
N VAL B 333 6.67 14.47 -2.06
CA VAL B 333 7.29 15.56 -2.84
C VAL B 333 6.35 15.81 -3.99
N ALA B 334 5.74 17.00 -4.13
CA ALA B 334 4.73 17.13 -5.16
C ALA B 334 4.77 18.54 -5.76
N PHE B 335 4.44 18.64 -7.04
CA PHE B 335 4.08 19.93 -7.60
C PHE B 335 2.58 19.95 -7.84
N LEU B 336 1.95 21.05 -7.40
CA LEU B 336 0.63 21.42 -7.91
C LEU B 336 0.70 22.13 -9.24
N VAL B 337 -0.18 21.78 -10.18
CA VAL B 337 -0.16 22.33 -11.53
C VAL B 337 -1.46 23.08 -11.83
N ARG B 338 -1.33 24.21 -12.51
CA ARG B 338 -2.52 24.92 -12.98
C ARG B 338 -2.22 25.37 -14.40
N LYS B 339 -3.19 25.22 -15.30
CA LYS B 339 -3.08 25.87 -16.59
C LYS B 339 -3.56 27.30 -16.49
N ILE B 340 -2.69 28.22 -16.93
CA ILE B 340 -3.01 29.64 -16.81
C ILE B 340 -3.04 30.16 -18.24
N ASP B 341 -4.20 30.65 -18.67
CA ASP B 341 -4.39 30.87 -20.09
CA ASP B 341 -4.42 30.85 -20.09
C ASP B 341 -3.92 29.72 -20.95
N GLY B 342 -4.17 28.48 -20.54
CA GLY B 342 -3.69 27.44 -21.42
C GLY B 342 -2.25 26.96 -21.25
N VAL B 343 -1.44 27.64 -20.44
CA VAL B 343 -0.04 27.26 -20.20
C VAL B 343 0.15 26.62 -18.81
N PRO B 344 0.53 25.36 -18.74
CA PRO B 344 0.73 24.73 -17.43
C PRO B 344 1.85 25.43 -16.64
N HIS B 345 1.56 25.66 -15.37
CA HIS B 345 2.57 26.24 -14.49
C HIS B 345 2.59 25.32 -13.27
N VAL B 346 3.72 25.25 -12.56
CA VAL B 346 3.77 24.52 -11.29
C VAL B 346 4.00 25.52 -10.15
N LEU B 347 3.53 25.20 -8.94
CA LEU B 347 3.67 26.16 -7.83
C LEU B 347 4.97 25.88 -7.09
N VAL B 348 6.01 26.67 -7.36
CA VAL B 348 7.27 26.42 -6.68
C VAL B 348 7.28 27.16 -5.36
N GLN B 349 8.13 26.66 -4.46
CA GLN B 349 8.44 27.38 -3.22
C GLN B 349 9.93 27.71 -3.18
N ALA B 350 10.19 28.91 -2.70
CA ALA B 350 11.58 29.30 -2.51
C ALA B 350 11.96 28.85 -1.10
N ARG B 351 12.56 27.68 -1.04
CA ARG B 351 12.73 26.98 0.22
C ARG B 351 14.02 27.41 0.92
N VAL B 352 13.99 27.49 2.25
CA VAL B 352 15.20 27.83 2.97
C VAL B 352 15.71 26.61 3.73
N ASP B 353 16.75 25.95 3.25
CA ASP B 353 17.26 24.76 3.97
C ASP B 353 18.64 25.07 4.54
N GLY B 354 19.01 24.31 5.57
CA GLY B 354 20.22 24.66 6.30
C GLY B 354 21.50 24.35 5.55
N GLY B 355 21.41 23.46 4.57
CA GLY B 355 22.59 23.04 3.80
C GLY B 355 22.78 23.80 2.50
N PHE B 356 21.89 24.73 2.19
CA PHE B 356 22.01 25.44 0.90
C PHE B 356 23.15 26.45 0.94
N LEU B 357 23.82 26.57 -0.19
CA LEU B 357 24.91 27.57 -0.23
C LEU B 357 24.41 29.02 -0.24
N ASP B 358 23.31 29.29 -0.93
CA ASP B 358 22.87 30.67 -1.19
C ASP B 358 21.44 30.87 -0.69
N THR B 359 21.20 30.43 0.54
CA THR B 359 19.97 30.77 1.29
C THR B 359 18.73 29.99 0.86
N VAL B 360 18.35 30.19 -0.40
CA VAL B 360 17.13 29.57 -0.91
C VAL B 360 17.42 28.84 -2.23
N GLU B 361 16.57 27.88 -2.58
CA GLU B 361 16.58 27.22 -3.92
C GLU B 361 15.12 26.98 -4.20
N LEU B 362 14.73 27.00 -5.46
CA LEU B 362 13.38 26.61 -5.80
C LEU B 362 13.11 25.14 -5.53
N ALA B 363 11.95 24.88 -4.93
CA ALA B 363 11.63 23.51 -4.52
C ALA B 363 10.19 23.19 -4.91
N PRO B 364 9.77 21.91 -4.84
CA PRO B 364 8.39 21.57 -5.19
C PRO B 364 7.38 22.21 -4.22
N THR B 365 6.15 22.19 -4.69
CA THR B 365 5.07 22.83 -3.90
C THR B 365 5.07 22.28 -2.46
N VAL B 366 5.14 20.96 -2.37
CA VAL B 366 5.25 20.25 -1.11
C VAL B 366 6.53 19.43 -1.07
N GLN B 367 7.32 19.57 -0.02
CA GLN B 367 8.51 18.72 0.11
C GLN B 367 8.62 18.44 1.60
N CYS B 368 8.26 17.23 2.05
CA CYS B 368 8.40 17.03 3.49
C CYS B 368 8.35 15.56 3.84
N THR B 369 8.74 15.23 5.07
CA THR B 369 8.54 13.87 5.57
C THR B 369 7.43 14.06 6.61
N PRO B 370 6.22 13.53 6.33
CA PRO B 370 5.06 13.96 7.11
C PRO B 370 5.24 13.71 8.62
N LEU B 371 5.98 12.65 8.97
CA LEU B 371 6.19 12.35 10.42
C LEU B 371 6.85 13.51 11.13
N ASN B 372 7.62 14.33 10.40
CA ASN B 372 8.33 15.42 11.06
C ASN B 372 7.37 16.52 11.55
N TYR B 373 6.11 16.48 11.16
CA TYR B 373 5.11 17.48 11.53
C TYR B 373 3.98 16.82 12.35
N ALA B 374 4.12 15.53 12.65
CA ALA B 374 3.00 14.78 13.23
C ALA B 374 2.70 15.24 14.66
N HIS B 375 3.64 15.93 15.28
CA HIS B 375 3.58 16.20 16.73
C HIS B 375 3.03 17.61 16.88
N LEU B 376 2.67 18.22 15.76
CA LEU B 376 2.15 19.58 15.73
C LEU B 376 0.73 19.55 15.18
N PRO B 377 -0.05 20.61 15.40
CA PRO B 377 -1.42 20.58 14.89
C PRO B 377 -1.46 20.75 13.36
N ALA B 378 -2.55 20.29 12.75
CA ALA B 378 -2.80 20.46 11.32
C ALA B 378 -2.45 21.83 10.72
N GLU B 379 -2.65 22.93 11.44
CA GLU B 379 -2.40 24.22 10.82
C GLU B 379 -0.93 24.61 10.76
N GLU B 380 -0.07 23.75 11.29
CA GLU B 380 1.35 24.03 11.32
C GLU B 380 2.06 23.09 10.34
N ALA B 381 1.25 22.29 9.65
CA ALA B 381 1.85 21.44 8.63
C ALA B 381 2.26 22.28 7.42
N PRO B 382 3.11 21.71 6.56
CA PRO B 382 3.52 22.50 5.41
C PRO B 382 2.29 22.78 4.55
N PRO B 383 2.24 23.99 3.96
CA PRO B 383 1.13 24.35 3.09
C PRO B 383 0.94 23.27 2.03
N PHE B 384 -0.32 22.99 1.71
CA PHE B 384 -0.75 22.03 0.68
C PHE B 384 -0.50 20.56 0.97
N LEU B 385 0.05 20.19 2.13
CA LEU B 385 0.35 18.80 2.34
C LEU B 385 -0.95 18.00 2.32
N ASP B 386 -1.94 18.53 3.04
CA ASP B 386 -3.13 17.71 3.19
C ASP B 386 -3.83 17.51 1.84
N LEU B 387 -3.79 18.57 1.05
CA LEU B 387 -4.31 18.51 -0.31
C LEU B 387 -3.64 17.48 -1.20
N VAL B 388 -2.32 17.39 -1.12
CA VAL B 388 -1.57 16.40 -1.88
C VAL B 388 -1.74 14.98 -1.36
N GLN B 389 -2.01 14.81 -0.07
CA GLN B 389 -2.12 13.47 0.49
C GLN B 389 -3.47 12.84 0.20
N ASN B 390 -4.46 13.68 -0.10
CA ASN B 390 -5.84 13.27 -0.31
C ASN B 390 -6.32 13.70 -1.68
N ALA B 391 -5.44 13.71 -2.68
CA ALA B 391 -5.85 14.34 -3.94
C ALA B 391 -6.85 13.43 -4.66
N PRO B 392 -7.94 13.99 -5.22
CA PRO B 392 -8.82 13.21 -6.09
C PRO B 392 -8.05 12.44 -7.17
N ARG B 393 -8.40 11.18 -7.43
CA ARG B 393 -7.65 10.31 -8.34
C ARG B 393 -7.44 10.97 -9.71
N SER B 394 -8.45 11.64 -10.24
CA SER B 394 -8.34 12.06 -11.64
C SER B 394 -7.43 13.29 -11.84
N ARG B 395 -7.08 13.88 -10.70
CA ARG B 395 -6.20 15.07 -10.70
C ARG B 395 -4.73 14.64 -10.66
N ILE B 396 -4.44 13.36 -10.47
CA ILE B 396 -3.04 12.95 -10.46
C ILE B 396 -2.49 12.78 -11.85
N ARG B 397 -1.48 13.60 -12.19
CA ARG B 397 -0.89 13.61 -13.51
C ARG B 397 0.33 12.69 -13.58
N TYR B 398 0.99 12.51 -12.44
CA TYR B 398 2.19 11.68 -12.37
C TYR B 398 2.28 11.23 -10.92
N GLU B 399 2.62 9.96 -10.72
CA GLU B 399 2.93 9.48 -9.36
C GLU B 399 3.89 8.30 -9.41
N ALA B 400 4.95 8.32 -8.63
CA ALA B 400 5.85 7.16 -8.55
C ALA B 400 6.65 7.29 -7.27
N ILE B 401 7.25 6.20 -6.78
CA ILE B 401 8.12 6.28 -5.61
C ILE B 401 9.56 6.20 -6.14
N HIS B 402 10.36 7.20 -5.75
CA HIS B 402 11.77 7.25 -6.09
C HIS B 402 12.63 7.31 -4.83
N SER B 403 13.85 6.80 -4.94
CA SER B 403 14.76 6.89 -3.79
C SER B 403 15.96 7.81 -4.01
N GLU B 404 16.63 8.16 -2.92
CA GLU B 404 17.72 9.14 -2.99
C GLU B 404 19.04 8.41 -3.20
N GLU B 405 20.14 9.14 -3.32
CA GLU B 405 21.35 8.47 -3.79
C GLU B 405 21.85 7.37 -2.88
N GLY B 406 21.99 6.19 -3.50
CA GLY B 406 22.18 4.99 -2.68
C GLY B 406 23.60 4.83 -2.18
N GLY B 407 24.49 5.72 -2.59
CA GLY B 407 25.79 5.71 -1.94
C GLY B 407 25.84 6.46 -0.62
N ARG B 408 24.79 7.19 -0.28
CA ARG B 408 24.81 7.94 0.98
C ARG B 408 23.56 7.67 1.83
N PHE B 409 22.47 7.22 1.21
CA PHE B 409 21.18 7.10 1.89
C PHE B 409 20.67 5.65 1.82
N LEU B 410 20.20 5.14 2.96
CA LEU B 410 19.70 3.76 3.04
C LEU B 410 18.18 3.79 2.89
N GLY B 411 17.68 3.40 1.71
CA GLY B 411 16.25 3.29 1.51
C GLY B 411 15.46 4.56 1.74
N VAL B 412 16.01 5.71 1.35
CA VAL B 412 15.28 6.97 1.56
C VAL B 412 14.39 7.19 0.33
N ARG B 413 13.09 7.02 0.54
CA ARG B 413 12.11 6.95 -0.55
C ARG B 413 11.14 8.09 -0.33
N ALA B 414 10.53 8.53 -1.44
CA ALA B 414 9.43 9.50 -1.35
C ALA B 414 8.47 9.21 -2.48
N ARG B 415 7.21 9.57 -2.24
CA ARG B 415 6.18 9.56 -3.28
C ARG B 415 6.34 10.89 -3.99
N TYR B 416 6.60 10.81 -5.30
CA TYR B 416 6.73 12.03 -6.10
C TYR B 416 5.49 12.18 -6.97
N LEU B 417 4.87 13.36 -6.89
CA LEU B 417 3.57 13.53 -7.54
C LEU B 417 3.50 14.83 -8.31
N VAL B 418 2.72 14.79 -9.38
CA VAL B 418 2.31 16.03 -10.03
C VAL B 418 0.79 15.99 -10.07
N ILE B 419 0.16 17.03 -9.53
CA ILE B 419 -1.30 16.99 -9.24
C ILE B 419 -1.91 18.27 -9.81
N ASP B 420 -3.01 18.17 -10.55
CA ASP B 420 -3.77 19.35 -10.96
C ASP B 420 -4.42 20.06 -9.79
N ALA B 421 -4.20 21.38 -9.69
CA ALA B 421 -4.65 22.21 -8.58
C ALA B 421 -6.10 22.61 -8.77
N ASP B 422 -6.78 22.66 -7.63
CA ASP B 422 -7.99 23.45 -7.43
C ASP B 422 -7.90 24.93 -7.80
N GLU B 423 -8.96 25.37 -8.45
CA GLU B 423 -8.91 26.74 -8.94
C GLU B 423 -8.76 27.74 -7.78
N ALA B 424 -9.16 27.32 -6.58
CA ALA B 424 -9.18 28.24 -5.43
C ALA B 424 -7.86 28.46 -4.69
N ILE B 425 -6.75 27.96 -5.24
CA ILE B 425 -5.44 28.04 -4.60
C ILE B 425 -4.73 29.33 -5.04
N ASP B 426 -4.30 30.17 -4.09
CA ASP B 426 -3.40 31.29 -4.34
C ASP B 426 -2.04 31.08 -3.66
N PRO B 427 -0.95 31.63 -4.24
CA PRO B 427 0.33 31.36 -3.58
C PRO B 427 0.51 32.07 -2.23
N PRO B 428 0.80 31.30 -1.16
CA PRO B 428 1.32 31.92 0.06
C PRO B 428 2.64 32.66 -0.18
N PRO B 429 3.09 33.51 0.76
CA PRO B 429 4.45 34.05 0.72
C PRO B 429 5.48 32.94 0.51
N GLY B 430 6.46 33.18 -0.38
CA GLY B 430 7.46 32.17 -0.72
C GLY B 430 7.07 31.25 -1.86
N TYR B 431 5.87 31.38 -2.44
CA TYR B 431 5.49 30.48 -3.52
C TYR B 431 5.16 31.30 -4.78
N ALA B 432 5.30 30.68 -5.95
CA ALA B 432 4.96 31.38 -7.19
C ALA B 432 4.72 30.37 -8.31
N TRP B 433 3.89 30.75 -9.29
CA TRP B 433 3.62 29.89 -10.44
C TRP B 433 4.70 30.09 -11.50
N VAL B 434 5.37 28.97 -11.87
CA VAL B 434 6.49 29.07 -12.81
C VAL B 434 6.25 27.96 -13.83
N THR B 435 6.57 28.21 -15.09
CA THR B 435 6.45 27.09 -16.01
C THR B 435 7.61 26.10 -15.92
N PRO B 436 7.36 24.83 -16.25
CA PRO B 436 8.48 23.88 -16.35
C PRO B 436 9.57 24.39 -17.29
N ALA B 437 9.20 25.05 -18.39
CA ALA B 437 10.27 25.53 -19.28
C ALA B 437 11.14 26.59 -18.61
N GLN B 438 10.55 27.42 -17.75
CA GLN B 438 11.38 28.37 -16.96
C GLN B 438 12.33 27.59 -16.04
N LEU B 439 11.86 26.48 -15.44
CA LEU B 439 12.72 25.72 -14.57
C LEU B 439 13.84 25.10 -15.44
N THR B 440 13.52 24.58 -16.63
CA THR B 440 14.53 23.99 -17.52
C THR B 440 15.61 25.05 -17.80
N ALA B 441 15.16 26.26 -18.11
CA ALA B 441 16.15 27.29 -18.39
C ALA B 441 17.08 27.62 -17.23
N LEU B 442 16.52 27.65 -16.02
CA LEU B 442 17.34 27.92 -14.85
C LEU B 442 18.33 26.81 -14.55
N THR B 443 18.10 25.59 -15.03
CA THR B 443 19.09 24.53 -14.79
C THR B 443 20.37 24.74 -15.60
N ARG B 444 20.46 25.76 -16.44
CA ARG B 444 21.78 26.11 -16.98
C ARG B 444 22.71 26.65 -15.91
N HIS B 445 22.14 27.03 -14.77
CA HIS B 445 22.89 27.64 -13.69
C HIS B 445 22.70 26.86 -12.40
N GLY B 446 23.66 27.03 -11.49
CA GLY B 446 23.48 26.37 -10.18
C GLY B 446 22.65 27.16 -9.17
N HIS B 447 22.12 26.41 -8.21
CA HIS B 447 21.48 27.02 -7.03
C HIS B 447 20.13 27.63 -7.32
N TYR B 448 19.53 27.29 -8.47
CA TYR B 448 18.18 27.77 -8.70
C TYR B 448 17.17 26.66 -8.42
N VAL B 449 17.45 25.42 -8.81
CA VAL B 449 16.42 24.35 -8.77
C VAL B 449 16.99 23.24 -7.88
N ASN B 450 16.31 22.94 -6.76
CA ASN B 450 16.83 21.95 -5.82
C ASN B 450 16.63 20.52 -6.33
N VAL B 451 17.26 19.57 -5.64
CA VAL B 451 17.33 18.22 -6.22
C VAL B 451 15.93 17.59 -6.35
N GLU B 452 15.05 17.86 -5.39
CA GLU B 452 13.71 17.27 -5.49
C GLU B 452 12.92 17.88 -6.64
N ALA B 453 13.06 19.20 -6.84
CA ALA B 453 12.41 19.83 -7.97
C ALA B 453 13.01 19.39 -9.31
N ARG B 454 14.31 19.15 -9.32
CA ARG B 454 14.92 18.56 -10.52
C ARG B 454 14.34 17.18 -10.81
N THR B 455 14.19 16.33 -9.79
CA THR B 455 13.52 15.06 -10.06
C THR B 455 12.13 15.29 -10.62
N LEU B 456 11.37 16.21 -10.05
CA LEU B 456 10.02 16.41 -10.59
C LEU B 456 10.04 17.01 -12.00
N LEU B 457 11.01 17.87 -12.30
CA LEU B 457 11.14 18.37 -13.67
C LEU B 457 11.42 17.20 -14.63
N ALA B 458 12.29 16.26 -14.28
CA ALA B 458 12.54 15.10 -15.14
C ALA B 458 11.27 14.26 -15.28
N CYS B 459 10.45 14.17 -14.24
CA CYS B 459 9.19 13.41 -14.33
C CYS B 459 8.18 14.14 -15.20
N ILE B 460 8.09 15.46 -15.07
CA ILE B 460 7.25 16.26 -15.97
C ILE B 460 7.64 16.11 -17.43
N ASN B 461 8.94 16.21 -17.71
CA ASN B 461 9.38 16.07 -19.10
C ASN B 461 9.08 14.65 -19.60
N ALA B 462 9.23 13.64 -18.74
CA ALA B 462 8.97 12.25 -19.12
C ALA B 462 7.49 12.06 -19.41
N ALA B 463 6.61 12.66 -18.62
CA ALA B 463 5.17 12.51 -18.78
C ALA B 463 4.70 13.25 -20.02
N ALA B 464 5.40 14.33 -20.36
CA ALA B 464 5.10 15.01 -21.62
C ALA B 464 5.52 14.23 -22.86
N ALA B 465 6.65 13.54 -22.80
CA ALA B 465 7.22 12.89 -23.98
C ALA B 465 6.47 11.58 -24.23
N GLN B 466 6.18 10.86 -23.16
CA GLN B 466 5.60 9.51 -23.26
C GLN B 466 4.48 9.38 -22.25
N PRO B 467 3.33 10.04 -22.49
CA PRO B 467 2.25 10.04 -21.51
C PRO B 467 1.76 8.60 -21.33
N ARG B 468 1.35 8.27 -20.12
CA ARG B 468 0.91 6.92 -19.81
C ARG B 468 -0.60 6.75 -19.97
#